data_1PGI
# 
_entry.id   1PGI 
# 
_audit_conform.dict_name       mmcif_pdbx.dic 
_audit_conform.dict_version    5.386 
_audit_conform.dict_location   http://mmcif.pdb.org/dictionaries/ascii/mmcif_pdbx.dic 
# 
loop_
_database_2.database_id 
_database_2.database_code 
_database_2.pdbx_database_accession 
_database_2.pdbx_DOI 
PDB   1PGI         pdb_00001pgi 10.2210/pdb1pgi/pdb 
WWPDB D_1000175660 ?            ?                   
# 
loop_
_pdbx_audit_revision_history.ordinal 
_pdbx_audit_revision_history.data_content_type 
_pdbx_audit_revision_history.major_revision 
_pdbx_audit_revision_history.minor_revision 
_pdbx_audit_revision_history.revision_date 
1 'Structure model' 1 0 1977-09-23 
2 'Structure model' 1 1 2008-03-24 
3 'Structure model' 1 2 2011-07-13 
4 'Structure model' 1 3 2024-02-14 
# 
_pdbx_audit_revision_details.ordinal             1 
_pdbx_audit_revision_details.revision_ordinal    1 
_pdbx_audit_revision_details.data_content_type   'Structure model' 
_pdbx_audit_revision_details.provider            repository 
_pdbx_audit_revision_details.type                'Initial release' 
_pdbx_audit_revision_details.description         ? 
_pdbx_audit_revision_details.details             ? 
# 
loop_
_pdbx_audit_revision_group.ordinal 
_pdbx_audit_revision_group.revision_ordinal 
_pdbx_audit_revision_group.data_content_type 
_pdbx_audit_revision_group.group 
1 2 'Structure model' 'Version format compliance' 
2 3 'Structure model' 'Version format compliance' 
3 4 'Structure model' 'Database references'       
4 4 'Structure model' Other                       
# 
loop_
_pdbx_audit_revision_category.ordinal 
_pdbx_audit_revision_category.revision_ordinal 
_pdbx_audit_revision_category.data_content_type 
_pdbx_audit_revision_category.category 
1 4 'Structure model' database_2           
2 4 'Structure model' pdbx_database_status 
# 
loop_
_pdbx_audit_revision_item.ordinal 
_pdbx_audit_revision_item.revision_ordinal 
_pdbx_audit_revision_item.data_content_type 
_pdbx_audit_revision_item.item 
1 4 'Structure model' '_database_2.pdbx_DOI'                
2 4 'Structure model' '_database_2.pdbx_database_accession' 
3 4 'Structure model' '_pdbx_database_status.process_site'  
# 
_pdbx_database_status.status_code                     REL 
_pdbx_database_status.entry_id                        1PGI 
_pdbx_database_status.recvd_initial_deposition_date   1977-08-01 
_pdbx_database_status.deposit_site                    ? 
_pdbx_database_status.process_site                    BNL 
_pdbx_database_status.SG_entry                        . 
_pdbx_database_status.pdb_format_compatible           Y 
_pdbx_database_status.status_code_mr                  ? 
_pdbx_database_status.status_code_sf                  ? 
_pdbx_database_status.status_code_cs                  ? 
_pdbx_database_status.status_code_nmr_data            ? 
_pdbx_database_status.methods_development_category    ? 
# 
_audit_author.name           'Muirhead, H.' 
_audit_author.pdbx_ordinal   1 
# 
loop_
_citation.id 
_citation.title 
_citation.journal_abbrev 
_citation.journal_volume 
_citation.page_first 
_citation.page_last 
_citation.year 
_citation.journal_id_ASTM 
_citation.country 
_citation.journal_id_ISSN 
_citation.journal_id_CSD 
_citation.book_publisher 
_citation.pdbx_database_id_PubMed 
_citation.pdbx_database_id_DOI 
primary 'Crystallographic structure analysis of glucose 6-phosphate isomerase at 3-5 A resolution.'    J.Mol.Biol. 109 475 485 
1977 JMOBAK UK 0022-2836 0070 ? 833853 '10.1016/S0022-2836(77)80025-9' 
1       'Glucose-6-Phosphate Isomerase'                                                                
Philos.Trans.R.Soc.London,Ser.B 293 145 ?   1981 PTRBAE UK 0080-4622 0441 ? ?      ?                               
2       'The Active Site of Glucose Phosphate Isomerase'                                               'FEBS Lett.' 65  50  ?   
1976 FEBLAL NE 0014-5793 0165 ? ?      ?                               
3       'Three-Dimensional Structure of Pig Muscle Phosphoglucose Isomerase at 6 Angstroms Resolution' J.Mol.Biol. 89  195 ?   
1974 JMOBAK UK 0022-2836 0070 ? ?      ?                               
# 
loop_
_citation_author.citation_id 
_citation_author.name 
_citation_author.ordinal 
_citation_author.identifier_ORCID 
primary 'Shaw, P.J.'     1  ? 
primary 'Muirhead, H.'   2  ? 
1       'Achari, A.'     3  ? 
1       'Marshall, S.E.' 4  ? 
1       'Muirhead, H.'   5  ? 
1       'Palmieri, R.H.' 6  ? 
1       'Noltmann, E.A.' 7  ? 
2       'Shaw, P.J.'     8  ? 
2       'Muirhead, H.'   9  ? 
3       'Muirhead, H.'   10 ? 
3       'Shaw, P.J.'     11 ? 
# 
_entity.id                         1 
_entity.type                       polymer 
_entity.src_method                 man 
_entity.pdbx_description           'D-GLUCOSE 6-PHOSPHATE ISOMERASE' 
_entity.formula_weight             43761.977 
_entity.pdbx_number_of_molecules   1 
_entity.pdbx_ec                    5.3.1.9 
_entity.pdbx_mutation              ? 
_entity.pdbx_fragment              ? 
_entity.details                    ? 
# 
_entity_poly.entity_id                      1 
_entity_poly.type                           'polypeptide(L)' 
_entity_poly.nstd_linkage                   no 
_entity_poly.nstd_monomer                   no 
_entity_poly.pdbx_seq_one_letter_code       
;(UNK)(UNK)(UNK)(UNK)(UNK)(UNK)(UNK)(UNK)(UNK)(UNK)(UNK)(UNK)(UNK)(UNK)(UNK)(UNK)
(UNK)(UNK)(UNK)(UNK)(UNK)(UNK)(UNK)(UNK)(UNK)(UNK)(UNK)(UNK)(UNK)(UNK)(UNK)(UNK)
(UNK)(UNK)(UNK)(UNK)(UNK)(UNK)(UNK)(UNK)(UNK)(UNK)(UNK)(UNK)(UNK)(UNK)(UNK)(UNK)
(UNK)(UNK)(UNK)(UNK)(UNK)(UNK)(UNK)(UNK)(UNK)(UNK)(UNK)(UNK)(UNK)(UNK)(UNK)(UNK)
(UNK)(UNK)(UNK)(UNK)(UNK)(UNK)(UNK)(UNK)(UNK)(UNK)(UNK)(UNK)(UNK)(UNK)(UNK)(UNK)
(UNK)(UNK)(UNK)(UNK)(UNK)(UNK)(UNK)(UNK)(UNK)(UNK)(UNK)(UNK)(UNK)(UNK)(UNK)(UNK)
(UNK)(UNK)(UNK)(UNK)(UNK)(UNK)(UNK)(UNK)(UNK)(UNK)(UNK)(UNK)(UNK)(UNK)(UNK)(UNK)
(UNK)(UNK)(UNK)(UNK)(UNK)(UNK)(UNK)(UNK)(UNK)(UNK)(UNK)(UNK)(UNK)(UNK)(UNK)(UNK)
(UNK)(UNK)(UNK)(UNK)(UNK)(UNK)(UNK)(UNK)(UNK)(UNK)(UNK)(UNK)(UNK)(UNK)(UNK)(UNK)
(UNK)(UNK)(UNK)(UNK)(UNK)(UNK)(UNK)(UNK)(UNK)(UNK)(UNK)(UNK)(UNK)(UNK)(UNK)(UNK)
(UNK)(UNK)(UNK)(UNK)(UNK)(UNK)(UNK)(UNK)(UNK)(UNK)(UNK)(UNK)(UNK)(UNK)(UNK)(UNK)
(UNK)(UNK)(UNK)(UNK)(UNK)(UNK)(UNK)(UNK)(UNK)(UNK)(UNK)(UNK)(UNK)(UNK)(UNK)(UNK)
(UNK)(UNK)(UNK)(UNK)(UNK)(UNK)(UNK)(UNK)(UNK)(UNK)(UNK)(UNK)(UNK)(UNK)(UNK)(UNK)
(UNK)(UNK)(UNK)(UNK)(UNK)(UNK)(UNK)(UNK)(UNK)(UNK)(UNK)(UNK)(UNK)(UNK)(UNK)(UNK)
(UNK)(UNK)(UNK)(UNK)(UNK)(UNK)(UNK)(UNK)(UNK)(UNK)(UNK)(UNK)(UNK)(UNK)(UNK)(UNK)
(UNK)(UNK)(UNK)(UNK)(UNK)(UNK)(UNK)(UNK)(UNK)(UNK)(UNK)(UNK)(UNK)(UNK)(UNK)(UNK)
(UNK)(UNK)(UNK)(UNK)(UNK)(UNK)(UNK)(UNK)(UNK)(UNK)(UNK)(UNK)(UNK)(UNK)(UNK)(UNK)
(UNK)(UNK)(UNK)(UNK)(UNK)(UNK)(UNK)(UNK)(UNK)(UNK)(UNK)(UNK)(UNK)(UNK)(UNK)(UNK)
(UNK)(UNK)(UNK)(UNK)(UNK)(UNK)(UNK)(UNK)(UNK)(UNK)(UNK)(UNK)(UNK)(UNK)(UNK)(UNK)
(UNK)(UNK)(UNK)(UNK)(UNK)(UNK)(UNK)(UNK)(UNK)(UNK)(UNK)(UNK)(UNK)(UNK)(UNK)(UNK)
(UNK)(UNK)(UNK)(UNK)(UNK)(UNK)(UNK)(UNK)(UNK)(UNK)(UNK)(UNK)(UNK)(UNK)(UNK)(UNK)
(UNK)(UNK)(UNK)(UNK)(UNK)(UNK)(UNK)(UNK)(UNK)(UNK)(UNK)(UNK)(UNK)(UNK)(UNK)(UNK)
(UNK)(UNK)(UNK)(UNK)(UNK)(UNK)(UNK)(UNK)(UNK)(UNK)(UNK)(UNK)(UNK)(UNK)(UNK)(UNK)
(UNK)(UNK)(UNK)(UNK)(UNK)(UNK)(UNK)(UNK)(UNK)(UNK)(UNK)(UNK)(UNK)(UNK)(UNK)(UNK)
(UNK)(UNK)(UNK)(UNK)(UNK)(UNK)(UNK)(UNK)(UNK)(UNK)(UNK)(UNK)(UNK)(UNK)(UNK)(UNK)
(UNK)(UNK)(UNK)(UNK)(UNK)(UNK)(UNK)(UNK)(UNK)(UNK)(UNK)(UNK)(UNK)(UNK)(UNK)(UNK)
(UNK)(UNK)(UNK)(UNK)(UNK)(UNK)(UNK)(UNK)(UNK)(UNK)(UNK)(UNK)(UNK)(UNK)(UNK)(UNK)
(UNK)(UNK)(UNK)(UNK)(UNK)(UNK)(UNK)(UNK)(UNK)(UNK)(UNK)(UNK)(UNK)(UNK)(UNK)(UNK)
(UNK)(UNK)(UNK)(UNK)(UNK)(UNK)(UNK)(UNK)(UNK)(UNK)(UNK)(UNK)(UNK)(UNK)(UNK)(UNK)
(UNK)(UNK)(UNK)(UNK)(UNK)(UNK)(UNK)(UNK)(UNK)(UNK)(UNK)(UNK)(UNK)(UNK)(UNK)(UNK)
(UNK)(UNK)(UNK)(UNK)(UNK)(UNK)(UNK)(UNK)(UNK)(UNK)(UNK)(UNK)(UNK)(UNK)(UNK)(UNK)
(UNK)(UNK)(UNK)(UNK)(UNK)(UNK)(UNK)(UNK)(UNK)(UNK)(UNK)(UNK)(UNK)(UNK)(UNK)(UNK)
(UNK)(UNK)
;
_entity_poly.pdbx_seq_one_letter_code_can   
;XXXXXXXXXXXXXXXXXXXXXXXXXXXXXXXXXXXXXXXXXXXXXXXXXXXXXXXXXXXXXXXXXXXXXXXXXXXXXXXX
XXXXXXXXXXXXXXXXXXXXXXXXXXXXXXXXXXXXXXXXXXXXXXXXXXXXXXXXXXXXXXXXXXXXXXXXXXXXXXXX
XXXXXXXXXXXXXXXXXXXXXXXXXXXXXXXXXXXXXXXXXXXXXXXXXXXXXXXXXXXXXXXXXXXXXXXXXXXXXXXX
XXXXXXXXXXXXXXXXXXXXXXXXXXXXXXXXXXXXXXXXXXXXXXXXXXXXXXXXXXXXXXXXXXXXXXXXXXXXXXXX
XXXXXXXXXXXXXXXXXXXXXXXXXXXXXXXXXXXXXXXXXXXXXXXXXXXXXXXXXXXXXXXXXXXXXXXXXXXXXXXX
XXXXXXXXXXXXXXXXXXXXXXXXXXXXXXXXXXXXXXXXXXXXXXXXXXXXXXXXXXXXXXXXXXXXXXXXXXXXXXXX
XXXXXXXXXXXXXXXXXXXXXXXXXXXXXXXXXX
;
_entity_poly.pdbx_strand_id                 A 
_entity_poly.pdbx_target_identifier         ? 
# 
loop_
_entity_poly_seq.entity_id 
_entity_poly_seq.num 
_entity_poly_seq.mon_id 
_entity_poly_seq.hetero 
1 1   UNK n 
1 2   UNK n 
1 3   UNK n 
1 4   UNK n 
1 5   UNK n 
1 6   UNK n 
1 7   UNK n 
1 8   UNK n 
1 9   UNK n 
1 10  UNK n 
1 11  UNK n 
1 12  UNK n 
1 13  UNK n 
1 14  UNK n 
1 15  UNK n 
1 16  UNK n 
1 17  UNK n 
1 18  UNK n 
1 19  UNK n 
1 20  UNK n 
1 21  UNK n 
1 22  UNK n 
1 23  UNK n 
1 24  UNK n 
1 25  UNK n 
1 26  UNK n 
1 27  UNK n 
1 28  UNK n 
1 29  UNK n 
1 30  UNK n 
1 31  UNK n 
1 32  UNK n 
1 33  UNK n 
1 34  UNK n 
1 35  UNK n 
1 36  UNK n 
1 37  UNK n 
1 38  UNK n 
1 39  UNK n 
1 40  UNK n 
1 41  UNK n 
1 42  UNK n 
1 43  UNK n 
1 44  UNK n 
1 45  UNK n 
1 46  UNK n 
1 47  UNK n 
1 48  UNK n 
1 49  UNK n 
1 50  UNK n 
1 51  UNK n 
1 52  UNK n 
1 53  UNK n 
1 54  UNK n 
1 55  UNK n 
1 56  UNK n 
1 57  UNK n 
1 58  UNK n 
1 59  UNK n 
1 60  UNK n 
1 61  UNK n 
1 62  UNK n 
1 63  UNK n 
1 64  UNK n 
1 65  UNK n 
1 66  UNK n 
1 67  UNK n 
1 68  UNK n 
1 69  UNK n 
1 70  UNK n 
1 71  UNK n 
1 72  UNK n 
1 73  UNK n 
1 74  UNK n 
1 75  UNK n 
1 76  UNK n 
1 77  UNK n 
1 78  UNK n 
1 79  UNK n 
1 80  UNK n 
1 81  UNK n 
1 82  UNK n 
1 83  UNK n 
1 84  UNK n 
1 85  UNK n 
1 86  UNK n 
1 87  UNK n 
1 88  UNK n 
1 89  UNK n 
1 90  UNK n 
1 91  UNK n 
1 92  UNK n 
1 93  UNK n 
1 94  UNK n 
1 95  UNK n 
1 96  UNK n 
1 97  UNK n 
1 98  UNK n 
1 99  UNK n 
1 100 UNK n 
1 101 UNK n 
1 102 UNK n 
1 103 UNK n 
1 104 UNK n 
1 105 UNK n 
1 106 UNK n 
1 107 UNK n 
1 108 UNK n 
1 109 UNK n 
1 110 UNK n 
1 111 UNK n 
1 112 UNK n 
1 113 UNK n 
1 114 UNK n 
1 115 UNK n 
1 116 UNK n 
1 117 UNK n 
1 118 UNK n 
1 119 UNK n 
1 120 UNK n 
1 121 UNK n 
1 122 UNK n 
1 123 UNK n 
1 124 UNK n 
1 125 UNK n 
1 126 UNK n 
1 127 UNK n 
1 128 UNK n 
1 129 UNK n 
1 130 UNK n 
1 131 UNK n 
1 132 UNK n 
1 133 UNK n 
1 134 UNK n 
1 135 UNK n 
1 136 UNK n 
1 137 UNK n 
1 138 UNK n 
1 139 UNK n 
1 140 UNK n 
1 141 UNK n 
1 142 UNK n 
1 143 UNK n 
1 144 UNK n 
1 145 UNK n 
1 146 UNK n 
1 147 UNK n 
1 148 UNK n 
1 149 UNK n 
1 150 UNK n 
1 151 UNK n 
1 152 UNK n 
1 153 UNK n 
1 154 UNK n 
1 155 UNK n 
1 156 UNK n 
1 157 UNK n 
1 158 UNK n 
1 159 UNK n 
1 160 UNK n 
1 161 UNK n 
1 162 UNK n 
1 163 UNK n 
1 164 UNK n 
1 165 UNK n 
1 166 UNK n 
1 167 UNK n 
1 168 UNK n 
1 169 UNK n 
1 170 UNK n 
1 171 UNK n 
1 172 UNK n 
1 173 UNK n 
1 174 UNK n 
1 175 UNK n 
1 176 UNK n 
1 177 UNK n 
1 178 UNK n 
1 179 UNK n 
1 180 UNK n 
1 181 UNK n 
1 182 UNK n 
1 183 UNK n 
1 184 UNK n 
1 185 UNK n 
1 186 UNK n 
1 187 UNK n 
1 188 UNK n 
1 189 UNK n 
1 190 UNK n 
1 191 UNK n 
1 192 UNK n 
1 193 UNK n 
1 194 UNK n 
1 195 UNK n 
1 196 UNK n 
1 197 UNK n 
1 198 UNK n 
1 199 UNK n 
1 200 UNK n 
1 201 UNK n 
1 202 UNK n 
1 203 UNK n 
1 204 UNK n 
1 205 UNK n 
1 206 UNK n 
1 207 UNK n 
1 208 UNK n 
1 209 UNK n 
1 210 UNK n 
1 211 UNK n 
1 212 UNK n 
1 213 UNK n 
1 214 UNK n 
1 215 UNK n 
1 216 UNK n 
1 217 UNK n 
1 218 UNK n 
1 219 UNK n 
1 220 UNK n 
1 221 UNK n 
1 222 UNK n 
1 223 UNK n 
1 224 UNK n 
1 225 UNK n 
1 226 UNK n 
1 227 UNK n 
1 228 UNK n 
1 229 UNK n 
1 230 UNK n 
1 231 UNK n 
1 232 UNK n 
1 233 UNK n 
1 234 UNK n 
1 235 UNK n 
1 236 UNK n 
1 237 UNK n 
1 238 UNK n 
1 239 UNK n 
1 240 UNK n 
1 241 UNK n 
1 242 UNK n 
1 243 UNK n 
1 244 UNK n 
1 245 UNK n 
1 246 UNK n 
1 247 UNK n 
1 248 UNK n 
1 249 UNK n 
1 250 UNK n 
1 251 UNK n 
1 252 UNK n 
1 253 UNK n 
1 254 UNK n 
1 255 UNK n 
1 256 UNK n 
1 257 UNK n 
1 258 UNK n 
1 259 UNK n 
1 260 UNK n 
1 261 UNK n 
1 262 UNK n 
1 263 UNK n 
1 264 UNK n 
1 265 UNK n 
1 266 UNK n 
1 267 UNK n 
1 268 UNK n 
1 269 UNK n 
1 270 UNK n 
1 271 UNK n 
1 272 UNK n 
1 273 UNK n 
1 274 UNK n 
1 275 UNK n 
1 276 UNK n 
1 277 UNK n 
1 278 UNK n 
1 279 UNK n 
1 280 UNK n 
1 281 UNK n 
1 282 UNK n 
1 283 UNK n 
1 284 UNK n 
1 285 UNK n 
1 286 UNK n 
1 287 UNK n 
1 288 UNK n 
1 289 UNK n 
1 290 UNK n 
1 291 UNK n 
1 292 UNK n 
1 293 UNK n 
1 294 UNK n 
1 295 UNK n 
1 296 UNK n 
1 297 UNK n 
1 298 UNK n 
1 299 UNK n 
1 300 UNK n 
1 301 UNK n 
1 302 UNK n 
1 303 UNK n 
1 304 UNK n 
1 305 UNK n 
1 306 UNK n 
1 307 UNK n 
1 308 UNK n 
1 309 UNK n 
1 310 UNK n 
1 311 UNK n 
1 312 UNK n 
1 313 UNK n 
1 314 UNK n 
1 315 UNK n 
1 316 UNK n 
1 317 UNK n 
1 318 UNK n 
1 319 UNK n 
1 320 UNK n 
1 321 UNK n 
1 322 UNK n 
1 323 UNK n 
1 324 UNK n 
1 325 UNK n 
1 326 UNK n 
1 327 UNK n 
1 328 UNK n 
1 329 UNK n 
1 330 UNK n 
1 331 UNK n 
1 332 UNK n 
1 333 UNK n 
1 334 UNK n 
1 335 UNK n 
1 336 UNK n 
1 337 UNK n 
1 338 UNK n 
1 339 UNK n 
1 340 UNK n 
1 341 UNK n 
1 342 UNK n 
1 343 UNK n 
1 344 UNK n 
1 345 UNK n 
1 346 UNK n 
1 347 UNK n 
1 348 UNK n 
1 349 UNK n 
1 350 UNK n 
1 351 UNK n 
1 352 UNK n 
1 353 UNK n 
1 354 UNK n 
1 355 UNK n 
1 356 UNK n 
1 357 UNK n 
1 358 UNK n 
1 359 UNK n 
1 360 UNK n 
1 361 UNK n 
1 362 UNK n 
1 363 UNK n 
1 364 UNK n 
1 365 UNK n 
1 366 UNK n 
1 367 UNK n 
1 368 UNK n 
1 369 UNK n 
1 370 UNK n 
1 371 UNK n 
1 372 UNK n 
1 373 UNK n 
1 374 UNK n 
1 375 UNK n 
1 376 UNK n 
1 377 UNK n 
1 378 UNK n 
1 379 UNK n 
1 380 UNK n 
1 381 UNK n 
1 382 UNK n 
1 383 UNK n 
1 384 UNK n 
1 385 UNK n 
1 386 UNK n 
1 387 UNK n 
1 388 UNK n 
1 389 UNK n 
1 390 UNK n 
1 391 UNK n 
1 392 UNK n 
1 393 UNK n 
1 394 UNK n 
1 395 UNK n 
1 396 UNK n 
1 397 UNK n 
1 398 UNK n 
1 399 UNK n 
1 400 UNK n 
1 401 UNK n 
1 402 UNK n 
1 403 UNK n 
1 404 UNK n 
1 405 UNK n 
1 406 UNK n 
1 407 UNK n 
1 408 UNK n 
1 409 UNK n 
1 410 UNK n 
1 411 UNK n 
1 412 UNK n 
1 413 UNK n 
1 414 UNK n 
1 415 UNK n 
1 416 UNK n 
1 417 UNK n 
1 418 UNK n 
1 419 UNK n 
1 420 UNK n 
1 421 UNK n 
1 422 UNK n 
1 423 UNK n 
1 424 UNK n 
1 425 UNK n 
1 426 UNK n 
1 427 UNK n 
1 428 UNK n 
1 429 UNK n 
1 430 UNK n 
1 431 UNK n 
1 432 UNK n 
1 433 UNK n 
1 434 UNK n 
1 435 UNK n 
1 436 UNK n 
1 437 UNK n 
1 438 UNK n 
1 439 UNK n 
1 440 UNK n 
1 441 UNK n 
1 442 UNK n 
1 443 UNK n 
1 444 UNK n 
1 445 UNK n 
1 446 UNK n 
1 447 UNK n 
1 448 UNK n 
1 449 UNK n 
1 450 UNK n 
1 451 UNK n 
1 452 UNK n 
1 453 UNK n 
1 454 UNK n 
1 455 UNK n 
1 456 UNK n 
1 457 UNK n 
1 458 UNK n 
1 459 UNK n 
1 460 UNK n 
1 461 UNK n 
1 462 UNK n 
1 463 UNK n 
1 464 UNK n 
1 465 UNK n 
1 466 UNK n 
1 467 UNK n 
1 468 UNK n 
1 469 UNK n 
1 470 UNK n 
1 471 UNK n 
1 472 UNK n 
1 473 UNK n 
1 474 UNK n 
1 475 UNK n 
1 476 UNK n 
1 477 UNK n 
1 478 UNK n 
1 479 UNK n 
1 480 UNK n 
1 481 UNK n 
1 482 UNK n 
1 483 UNK n 
1 484 UNK n 
1 485 UNK n 
1 486 UNK n 
1 487 UNK n 
1 488 UNK n 
1 489 UNK n 
1 490 UNK n 
1 491 UNK n 
1 492 UNK n 
1 493 UNK n 
1 494 UNK n 
1 495 UNK n 
1 496 UNK n 
1 497 UNK n 
1 498 UNK n 
1 499 UNK n 
1 500 UNK n 
1 501 UNK n 
1 502 UNK n 
1 503 UNK n 
1 504 UNK n 
1 505 UNK n 
1 506 UNK n 
1 507 UNK n 
1 508 UNK n 
1 509 UNK n 
1 510 UNK n 
1 511 UNK n 
1 512 UNK n 
1 513 UNK n 
1 514 UNK n 
# 
_entity_src_gen.entity_id                          1 
_entity_src_gen.pdbx_src_id                        1 
_entity_src_gen.pdbx_alt_source_flag               sample 
_entity_src_gen.pdbx_seq_type                      ? 
_entity_src_gen.pdbx_beg_seq_num                   ? 
_entity_src_gen.pdbx_end_seq_num                   ? 
_entity_src_gen.gene_src_common_name               pig 
_entity_src_gen.gene_src_genus                     ? 
_entity_src_gen.pdbx_gene_src_gene                 ? 
_entity_src_gen.gene_src_species                   ? 
_entity_src_gen.gene_src_strain                    ? 
_entity_src_gen.gene_src_tissue                    MUSCLE 
_entity_src_gen.gene_src_tissue_fraction           ? 
_entity_src_gen.gene_src_details                   ? 
_entity_src_gen.pdbx_gene_src_fragment             ? 
_entity_src_gen.pdbx_gene_src_scientific_name      'Sus scrofa' 
_entity_src_gen.pdbx_gene_src_ncbi_taxonomy_id     9823 
_entity_src_gen.pdbx_gene_src_variant              ? 
_entity_src_gen.pdbx_gene_src_cell_line            ? 
_entity_src_gen.pdbx_gene_src_atcc                 ? 
_entity_src_gen.pdbx_gene_src_organ                ? 
_entity_src_gen.pdbx_gene_src_organelle            ? 
_entity_src_gen.pdbx_gene_src_cell                 ? 
_entity_src_gen.pdbx_gene_src_cellular_location    ? 
_entity_src_gen.host_org_common_name               ? 
_entity_src_gen.pdbx_host_org_scientific_name      ? 
_entity_src_gen.pdbx_host_org_ncbi_taxonomy_id     ? 
_entity_src_gen.host_org_genus                     ? 
_entity_src_gen.pdbx_host_org_gene                 ? 
_entity_src_gen.pdbx_host_org_organ                ? 
_entity_src_gen.host_org_species                   ? 
_entity_src_gen.pdbx_host_org_tissue               ? 
_entity_src_gen.pdbx_host_org_tissue_fraction      ? 
_entity_src_gen.pdbx_host_org_strain               ? 
_entity_src_gen.pdbx_host_org_variant              ? 
_entity_src_gen.pdbx_host_org_cell_line            ? 
_entity_src_gen.pdbx_host_org_atcc                 ? 
_entity_src_gen.pdbx_host_org_culture_collection   ? 
_entity_src_gen.pdbx_host_org_cell                 ? 
_entity_src_gen.pdbx_host_org_organelle            ? 
_entity_src_gen.pdbx_host_org_cellular_location    ? 
_entity_src_gen.pdbx_host_org_vector_type          ? 
_entity_src_gen.pdbx_host_org_vector               ? 
_entity_src_gen.host_org_details                   ? 
_entity_src_gen.expression_system_id               ? 
_entity_src_gen.plasmid_name                       ? 
_entity_src_gen.plasmid_details                    ? 
_entity_src_gen.pdbx_description                   ? 
# 
_chem_comp.id               UNK 
_chem_comp.type             'L-peptide linking' 
_chem_comp.mon_nstd_flag    . 
_chem_comp.name             UNKNOWN 
_chem_comp.pdbx_synonyms    ? 
_chem_comp.formula          'C4 H9 N O2' 
_chem_comp.formula_weight   103.120 
# 
loop_
_pdbx_poly_seq_scheme.asym_id 
_pdbx_poly_seq_scheme.entity_id 
_pdbx_poly_seq_scheme.seq_id 
_pdbx_poly_seq_scheme.mon_id 
_pdbx_poly_seq_scheme.ndb_seq_num 
_pdbx_poly_seq_scheme.pdb_seq_num 
_pdbx_poly_seq_scheme.auth_seq_num 
_pdbx_poly_seq_scheme.pdb_mon_id 
_pdbx_poly_seq_scheme.auth_mon_id 
_pdbx_poly_seq_scheme.pdb_strand_id 
_pdbx_poly_seq_scheme.pdb_ins_code 
_pdbx_poly_seq_scheme.hetero 
A 1 1   UNK 1   1   1   UNK UNK A . n 
A 1 2   UNK 2   2   2   UNK UNK A . n 
A 1 3   UNK 3   3   3   UNK UNK A . n 
A 1 4   UNK 4   4   4   UNK UNK A . n 
A 1 5   UNK 5   5   5   UNK UNK A . n 
A 1 6   UNK 6   6   6   UNK UNK A . n 
A 1 7   UNK 7   7   7   UNK UNK A . n 
A 1 8   UNK 8   8   8   UNK UNK A . n 
A 1 9   UNK 9   9   9   UNK UNK A . n 
A 1 10  UNK 10  10  10  UNK UNK A . n 
A 1 11  UNK 11  11  11  UNK UNK A . n 
A 1 12  UNK 12  12  12  UNK UNK A . n 
A 1 13  UNK 13  13  13  UNK UNK A . n 
A 1 14  UNK 14  14  14  UNK UNK A . n 
A 1 15  UNK 15  15  15  UNK UNK A . n 
A 1 16  UNK 16  16  16  UNK UNK A . n 
A 1 17  UNK 17  17  17  UNK UNK A . n 
A 1 18  UNK 18  18  18  UNK UNK A . n 
A 1 19  UNK 19  19  19  UNK UNK A . n 
A 1 20  UNK 20  20  20  UNK UNK A . n 
A 1 21  UNK 21  21  21  UNK UNK A . n 
A 1 22  UNK 22  22  22  UNK UNK A . n 
A 1 23  UNK 23  23  23  UNK UNK A . n 
A 1 24  UNK 24  24  24  UNK UNK A . n 
A 1 25  UNK 25  25  25  UNK UNK A . n 
A 1 26  UNK 26  26  26  UNK UNK A . n 
A 1 27  UNK 27  27  27  UNK UNK A . n 
A 1 28  UNK 28  28  28  UNK UNK A . n 
A 1 29  UNK 29  29  29  UNK UNK A . n 
A 1 30  UNK 30  30  30  UNK UNK A . n 
A 1 31  UNK 31  31  31  UNK UNK A . n 
A 1 32  UNK 32  32  32  UNK UNK A . n 
A 1 33  UNK 33  33  33  UNK UNK A . n 
A 1 34  UNK 34  34  34  UNK UNK A . n 
A 1 35  UNK 35  35  35  UNK UNK A . n 
A 1 36  UNK 36  36  36  UNK UNK A . n 
A 1 37  UNK 37  37  37  UNK UNK A . n 
A 1 38  UNK 38  38  38  UNK UNK A . n 
A 1 39  UNK 39  39  39  UNK UNK A . n 
A 1 40  UNK 40  40  40  UNK UNK A . n 
A 1 41  UNK 41  41  41  UNK UNK A . n 
A 1 42  UNK 42  42  42  UNK UNK A . n 
A 1 43  UNK 43  43  43  UNK UNK A . n 
A 1 44  UNK 44  44  44  UNK UNK A . n 
A 1 45  UNK 45  45  45  UNK UNK A . n 
A 1 46  UNK 46  46  46  UNK UNK A . n 
A 1 47  UNK 47  47  47  UNK UNK A . n 
A 1 48  UNK 48  48  48  UNK UNK A . n 
A 1 49  UNK 49  49  49  UNK UNK A . n 
A 1 50  UNK 50  50  50  UNK UNK A . n 
A 1 51  UNK 51  51  51  UNK UNK A . n 
A 1 52  UNK 52  52  52  UNK UNK A . n 
A 1 53  UNK 53  53  53  UNK UNK A . n 
A 1 54  UNK 54  54  54  UNK UNK A . n 
A 1 55  UNK 55  55  55  UNK UNK A . n 
A 1 56  UNK 56  56  56  UNK UNK A . n 
A 1 57  UNK 57  57  57  UNK UNK A . n 
A 1 58  UNK 58  58  58  UNK UNK A . n 
A 1 59  UNK 59  59  59  UNK UNK A . n 
A 1 60  UNK 60  60  60  UNK UNK A . n 
A 1 61  UNK 61  61  61  UNK UNK A . n 
A 1 62  UNK 62  62  62  UNK UNK A . n 
A 1 63  UNK 63  63  63  UNK UNK A . n 
A 1 64  UNK 64  64  64  UNK UNK A . n 
A 1 65  UNK 65  65  65  UNK UNK A . n 
A 1 66  UNK 66  66  66  UNK UNK A . n 
A 1 67  UNK 67  67  67  UNK UNK A . n 
A 1 68  UNK 68  68  68  UNK UNK A . n 
A 1 69  UNK 69  69  69  UNK UNK A . n 
A 1 70  UNK 70  70  70  UNK UNK A . n 
A 1 71  UNK 71  71  71  UNK UNK A . n 
A 1 72  UNK 72  72  72  UNK UNK A . n 
A 1 73  UNK 73  73  73  UNK UNK A . n 
A 1 74  UNK 74  74  74  UNK UNK A . n 
A 1 75  UNK 75  75  75  UNK UNK A . n 
A 1 76  UNK 76  76  76  UNK UNK A . n 
A 1 77  UNK 77  77  77  UNK UNK A . n 
A 1 78  UNK 78  78  78  UNK UNK A . n 
A 1 79  UNK 79  79  79  UNK UNK A . n 
A 1 80  UNK 80  80  80  UNK UNK A . n 
A 1 81  UNK 81  81  81  UNK UNK A . n 
A 1 82  UNK 82  82  82  UNK UNK A . n 
A 1 83  UNK 83  83  83  UNK UNK A . n 
A 1 84  UNK 84  84  84  UNK UNK A . n 
A 1 85  UNK 85  85  85  UNK UNK A . n 
A 1 86  UNK 86  86  86  UNK UNK A . n 
A 1 87  UNK 87  87  87  UNK UNK A . n 
A 1 88  UNK 88  88  88  UNK UNK A . n 
A 1 89  UNK 89  89  89  UNK UNK A . n 
A 1 90  UNK 90  90  90  UNK UNK A . n 
A 1 91  UNK 91  91  91  UNK UNK A . n 
A 1 92  UNK 92  92  92  UNK UNK A . n 
A 1 93  UNK 93  93  93  UNK UNK A . n 
A 1 94  UNK 94  94  94  UNK UNK A . n 
A 1 95  UNK 95  95  95  UNK UNK A . n 
A 1 96  UNK 96  96  96  UNK UNK A . n 
A 1 97  UNK 97  97  97  UNK UNK A . n 
A 1 98  UNK 98  98  98  UNK UNK A . n 
A 1 99  UNK 99  99  99  UNK UNK A . n 
A 1 100 UNK 100 100 100 UNK UNK A . n 
A 1 101 UNK 101 101 101 UNK UNK A . n 
A 1 102 UNK 102 102 102 UNK UNK A . n 
A 1 103 UNK 103 103 103 UNK UNK A . n 
A 1 104 UNK 104 104 104 UNK UNK A . n 
A 1 105 UNK 105 105 105 UNK UNK A . n 
A 1 106 UNK 106 106 106 UNK UNK A . n 
A 1 107 UNK 107 107 107 UNK UNK A . n 
A 1 108 UNK 108 108 108 UNK UNK A . n 
A 1 109 UNK 109 109 109 UNK UNK A . n 
A 1 110 UNK 110 110 110 UNK UNK A . n 
A 1 111 UNK 111 111 111 UNK UNK A . n 
A 1 112 UNK 112 112 112 UNK UNK A . n 
A 1 113 UNK 113 113 113 UNK UNK A . n 
A 1 114 UNK 114 114 114 UNK UNK A . n 
A 1 115 UNK 115 115 115 UNK UNK A . n 
A 1 116 UNK 116 116 116 UNK UNK A . n 
A 1 117 UNK 117 117 117 UNK UNK A . n 
A 1 118 UNK 118 118 118 UNK UNK A . n 
A 1 119 UNK 119 119 119 UNK UNK A . n 
A 1 120 UNK 120 120 120 UNK UNK A . n 
A 1 121 UNK 121 121 121 UNK UNK A . n 
A 1 122 UNK 122 122 122 UNK UNK A . n 
A 1 123 UNK 123 123 123 UNK UNK A . n 
A 1 124 UNK 124 124 124 UNK UNK A . n 
A 1 125 UNK 125 125 125 UNK UNK A . n 
A 1 126 UNK 126 126 126 UNK UNK A . n 
A 1 127 UNK 127 127 127 UNK UNK A . n 
A 1 128 UNK 128 128 128 UNK UNK A . n 
A 1 129 UNK 129 129 129 UNK UNK A . n 
A 1 130 UNK 130 130 130 UNK UNK A . n 
A 1 131 UNK 131 131 131 UNK UNK A . n 
A 1 132 UNK 132 132 132 UNK UNK A . n 
A 1 133 UNK 133 133 133 UNK UNK A . n 
A 1 134 UNK 134 134 134 UNK UNK A . n 
A 1 135 UNK 135 135 135 UNK UNK A . n 
A 1 136 UNK 136 136 136 UNK UNK A . n 
A 1 137 UNK 137 137 137 UNK UNK A . n 
A 1 138 UNK 138 138 138 UNK UNK A . n 
A 1 139 UNK 139 139 139 UNK UNK A . n 
A 1 140 UNK 140 140 140 UNK UNK A . n 
A 1 141 UNK 141 141 141 UNK UNK A . n 
A 1 142 UNK 142 142 142 UNK UNK A . n 
A 1 143 UNK 143 143 143 UNK UNK A . n 
A 1 144 UNK 144 144 144 UNK UNK A . n 
A 1 145 UNK 145 145 145 UNK UNK A . n 
A 1 146 UNK 146 146 146 UNK UNK A . n 
A 1 147 UNK 147 147 147 UNK UNK A . n 
A 1 148 UNK 148 148 148 UNK UNK A . n 
A 1 149 UNK 149 149 149 UNK UNK A . n 
A 1 150 UNK 150 150 150 UNK UNK A . n 
A 1 151 UNK 151 151 151 UNK UNK A . n 
A 1 152 UNK 152 152 152 UNK UNK A . n 
A 1 153 UNK 153 153 153 UNK UNK A . n 
A 1 154 UNK 154 154 154 UNK UNK A . n 
A 1 155 UNK 155 155 155 UNK UNK A . n 
A 1 156 UNK 156 156 156 UNK UNK A . n 
A 1 157 UNK 157 157 157 UNK UNK A . n 
A 1 158 UNK 158 158 158 UNK UNK A . n 
A 1 159 UNK 159 159 159 UNK UNK A . n 
A 1 160 UNK 160 160 160 UNK UNK A . n 
A 1 161 UNK 161 161 161 UNK UNK A . n 
A 1 162 UNK 162 162 162 UNK UNK A . n 
A 1 163 UNK 163 163 163 UNK UNK A . n 
A 1 164 UNK 164 164 164 UNK UNK A . n 
A 1 165 UNK 165 165 165 UNK UNK A . n 
A 1 166 UNK 166 166 166 UNK UNK A . n 
A 1 167 UNK 167 167 167 UNK UNK A . n 
A 1 168 UNK 168 168 168 UNK UNK A . n 
A 1 169 UNK 169 169 169 UNK UNK A . n 
A 1 170 UNK 170 170 170 UNK UNK A . n 
A 1 171 UNK 171 171 171 UNK UNK A . n 
A 1 172 UNK 172 172 172 UNK UNK A . n 
A 1 173 UNK 173 173 173 UNK UNK A . n 
A 1 174 UNK 174 174 174 UNK UNK A . n 
A 1 175 UNK 175 175 175 UNK UNK A . n 
A 1 176 UNK 176 176 176 UNK UNK A . n 
A 1 177 UNK 177 177 177 UNK UNK A . n 
A 1 178 UNK 178 178 178 UNK UNK A . n 
A 1 179 UNK 179 179 179 UNK UNK A . n 
A 1 180 UNK 180 180 180 UNK UNK A . n 
A 1 181 UNK 181 181 181 UNK UNK A . n 
A 1 182 UNK 182 182 182 UNK UNK A . n 
A 1 183 UNK 183 183 183 UNK UNK A . n 
A 1 184 UNK 184 184 184 UNK UNK A . n 
A 1 185 UNK 185 185 185 UNK UNK A . n 
A 1 186 UNK 186 186 186 UNK UNK A . n 
A 1 187 UNK 187 187 187 UNK UNK A . n 
A 1 188 UNK 188 188 188 UNK UNK A . n 
A 1 189 UNK 189 189 189 UNK UNK A . n 
A 1 190 UNK 190 190 190 UNK UNK A . n 
A 1 191 UNK 191 191 191 UNK UNK A . n 
A 1 192 UNK 192 192 192 UNK UNK A . n 
A 1 193 UNK 193 193 193 UNK UNK A . n 
A 1 194 UNK 194 194 194 UNK UNK A . n 
A 1 195 UNK 195 195 195 UNK UNK A . n 
A 1 196 UNK 196 196 196 UNK UNK A . n 
A 1 197 UNK 197 197 197 UNK UNK A . n 
A 1 198 UNK 198 198 198 UNK UNK A . n 
A 1 199 UNK 199 199 199 UNK UNK A . n 
A 1 200 UNK 200 200 200 UNK UNK A . n 
A 1 201 UNK 201 201 201 UNK UNK A . n 
A 1 202 UNK 202 202 202 UNK UNK A . n 
A 1 203 UNK 203 203 203 UNK UNK A . n 
A 1 204 UNK 204 204 204 UNK UNK A . n 
A 1 205 UNK 205 205 205 UNK UNK A . n 
A 1 206 UNK 206 206 206 UNK UNK A . n 
A 1 207 UNK 207 207 207 UNK UNK A . n 
A 1 208 UNK 208 208 208 UNK UNK A . n 
A 1 209 UNK 209 209 209 UNK UNK A . n 
A 1 210 UNK 210 210 210 UNK UNK A . n 
A 1 211 UNK 211 211 211 UNK UNK A . n 
A 1 212 UNK 212 212 212 UNK UNK A . n 
A 1 213 UNK 213 213 213 UNK UNK A . n 
A 1 214 UNK 214 214 214 UNK UNK A . n 
A 1 215 UNK 215 215 215 UNK UNK A . n 
A 1 216 UNK 216 216 216 UNK UNK A . n 
A 1 217 UNK 217 217 217 UNK UNK A . n 
A 1 218 UNK 218 218 218 UNK UNK A . n 
A 1 219 UNK 219 219 219 UNK UNK A . n 
A 1 220 UNK 220 220 220 UNK UNK A . n 
A 1 221 UNK 221 221 221 UNK UNK A . n 
A 1 222 UNK 222 222 222 UNK UNK A . n 
A 1 223 UNK 223 223 223 UNK UNK A . n 
A 1 224 UNK 224 224 224 UNK UNK A . n 
A 1 225 UNK 225 225 225 UNK UNK A . n 
A 1 226 UNK 226 226 226 UNK UNK A . n 
A 1 227 UNK 227 227 227 UNK UNK A . n 
A 1 228 UNK 228 228 228 UNK UNK A . n 
A 1 229 UNK 229 229 229 UNK UNK A . n 
A 1 230 UNK 230 230 230 UNK UNK A . n 
A 1 231 UNK 231 231 231 UNK UNK A . n 
A 1 232 UNK 232 232 232 UNK UNK A . n 
A 1 233 UNK 233 233 233 UNK UNK A . n 
A 1 234 UNK 234 234 234 UNK UNK A . n 
A 1 235 UNK 235 235 235 UNK UNK A . n 
A 1 236 UNK 236 236 236 UNK UNK A . n 
A 1 237 UNK 237 237 237 UNK UNK A . n 
A 1 238 UNK 238 238 238 UNK UNK A . n 
A 1 239 UNK 239 239 239 UNK UNK A . n 
A 1 240 UNK 240 240 240 UNK UNK A . n 
A 1 241 UNK 241 241 241 UNK UNK A . n 
A 1 242 UNK 242 242 242 UNK UNK A . n 
A 1 243 UNK 243 243 243 UNK UNK A . n 
A 1 244 UNK 244 244 244 UNK UNK A . n 
A 1 245 UNK 245 245 245 UNK UNK A . n 
A 1 246 UNK 246 246 246 UNK UNK A . n 
A 1 247 UNK 247 247 247 UNK UNK A . n 
A 1 248 UNK 248 248 248 UNK UNK A . n 
A 1 249 UNK 249 249 249 UNK UNK A . n 
A 1 250 UNK 250 250 250 UNK UNK A . n 
A 1 251 UNK 251 251 251 UNK UNK A . n 
A 1 252 UNK 252 252 252 UNK UNK A . n 
A 1 253 UNK 253 253 253 UNK UNK A . n 
A 1 254 UNK 254 254 254 UNK UNK A . n 
A 1 255 UNK 255 255 255 UNK UNK A . n 
A 1 256 UNK 256 256 256 UNK UNK A . n 
A 1 257 UNK 257 257 257 UNK UNK A . n 
A 1 258 UNK 258 258 258 UNK UNK A . n 
A 1 259 UNK 259 259 259 UNK UNK A . n 
A 1 260 UNK 260 260 260 UNK UNK A . n 
A 1 261 UNK 261 261 261 UNK UNK A . n 
A 1 262 UNK 262 262 262 UNK UNK A . n 
A 1 263 UNK 263 263 263 UNK UNK A . n 
A 1 264 UNK 264 264 264 UNK UNK A . n 
A 1 265 UNK 265 265 265 UNK UNK A . n 
A 1 266 UNK 266 266 266 UNK UNK A . n 
A 1 267 UNK 267 267 267 UNK UNK A . n 
A 1 268 UNK 268 268 268 UNK UNK A . n 
A 1 269 UNK 269 269 269 UNK UNK A . n 
A 1 270 UNK 270 270 270 UNK UNK A . n 
A 1 271 UNK 271 271 271 UNK UNK A . n 
A 1 272 UNK 272 272 272 UNK UNK A . n 
A 1 273 UNK 273 273 273 UNK UNK A . n 
A 1 274 UNK 274 274 274 UNK UNK A . n 
A 1 275 UNK 275 275 275 UNK UNK A . n 
A 1 276 UNK 276 276 276 UNK UNK A . n 
A 1 277 UNK 277 277 277 UNK UNK A . n 
A 1 278 UNK 278 278 278 UNK UNK A . n 
A 1 279 UNK 279 279 279 UNK UNK A . n 
A 1 280 UNK 280 280 280 UNK UNK A . n 
A 1 281 UNK 281 281 281 UNK UNK A . n 
A 1 282 UNK 282 282 282 UNK UNK A . n 
A 1 283 UNK 283 283 283 UNK UNK A . n 
A 1 284 UNK 284 284 284 UNK UNK A . n 
A 1 285 UNK 285 285 285 UNK UNK A . n 
A 1 286 UNK 286 286 286 UNK UNK A . n 
A 1 287 UNK 287 287 287 UNK UNK A . n 
A 1 288 UNK 288 288 288 UNK UNK A . n 
A 1 289 UNK 289 289 289 UNK UNK A . n 
A 1 290 UNK 290 290 290 UNK UNK A . n 
A 1 291 UNK 291 291 291 UNK UNK A . n 
A 1 292 UNK 292 292 292 UNK UNK A . n 
A 1 293 UNK 293 293 293 UNK UNK A . n 
A 1 294 UNK 294 294 294 UNK UNK A . n 
A 1 295 UNK 295 295 295 UNK UNK A . n 
A 1 296 UNK 296 296 296 UNK UNK A . n 
A 1 297 UNK 297 297 297 UNK UNK A . n 
A 1 298 UNK 298 298 298 UNK UNK A . n 
A 1 299 UNK 299 299 299 UNK UNK A . n 
A 1 300 UNK 300 300 300 UNK UNK A . n 
A 1 301 UNK 301 301 301 UNK UNK A . n 
A 1 302 UNK 302 302 302 UNK UNK A . n 
A 1 303 UNK 303 303 303 UNK UNK A . n 
A 1 304 UNK 304 304 304 UNK UNK A . n 
A 1 305 UNK 305 305 305 UNK UNK A . n 
A 1 306 UNK 306 306 306 UNK UNK A . n 
A 1 307 UNK 307 307 307 UNK UNK A . n 
A 1 308 UNK 308 308 308 UNK UNK A . n 
A 1 309 UNK 309 309 309 UNK UNK A . n 
A 1 310 UNK 310 310 310 UNK UNK A . n 
A 1 311 UNK 311 311 311 UNK UNK A . n 
A 1 312 UNK 312 312 312 UNK UNK A . n 
A 1 313 UNK 313 313 313 UNK UNK A . n 
A 1 314 UNK 314 314 314 UNK UNK A . n 
A 1 315 UNK 315 315 315 UNK UNK A . n 
A 1 316 UNK 316 316 316 UNK UNK A . n 
A 1 317 UNK 317 317 317 UNK UNK A . n 
A 1 318 UNK 318 318 318 UNK UNK A . n 
A 1 319 UNK 319 319 319 UNK UNK A . n 
A 1 320 UNK 320 320 320 UNK UNK A . n 
A 1 321 UNK 321 321 321 UNK UNK A . n 
A 1 322 UNK 322 322 322 UNK UNK A . n 
A 1 323 UNK 323 323 323 UNK UNK A . n 
A 1 324 UNK 324 324 324 UNK UNK A . n 
A 1 325 UNK 325 325 325 UNK UNK A . n 
A 1 326 UNK 326 326 326 UNK UNK A . n 
A 1 327 UNK 327 327 327 UNK UNK A . n 
A 1 328 UNK 328 328 328 UNK UNK A . n 
A 1 329 UNK 329 329 329 UNK UNK A . n 
A 1 330 UNK 330 330 330 UNK UNK A . n 
A 1 331 UNK 331 331 331 UNK UNK A . n 
A 1 332 UNK 332 332 332 UNK UNK A . n 
A 1 333 UNK 333 333 333 UNK UNK A . n 
A 1 334 UNK 334 334 334 UNK UNK A . n 
A 1 335 UNK 335 335 335 UNK UNK A . n 
A 1 336 UNK 336 336 336 UNK UNK A . n 
A 1 337 UNK 337 337 337 UNK UNK A . n 
A 1 338 UNK 338 338 338 UNK UNK A . n 
A 1 339 UNK 339 339 339 UNK UNK A . n 
A 1 340 UNK 340 340 340 UNK UNK A . n 
A 1 341 UNK 341 341 341 UNK UNK A . n 
A 1 342 UNK 342 342 342 UNK UNK A . n 
A 1 343 UNK 343 343 343 UNK UNK A . n 
A 1 344 UNK 344 344 344 UNK UNK A . n 
A 1 345 UNK 345 345 345 UNK UNK A . n 
A 1 346 UNK 346 346 346 UNK UNK A . n 
A 1 347 UNK 347 347 347 UNK UNK A . n 
A 1 348 UNK 348 348 348 UNK UNK A . n 
A 1 349 UNK 349 349 349 UNK UNK A . n 
A 1 350 UNK 350 350 350 UNK UNK A . n 
A 1 351 UNK 351 351 351 UNK UNK A . n 
A 1 352 UNK 352 352 352 UNK UNK A . n 
A 1 353 UNK 353 353 353 UNK UNK A . n 
A 1 354 UNK 354 354 354 UNK UNK A . n 
A 1 355 UNK 355 355 355 UNK UNK A . n 
A 1 356 UNK 356 356 356 UNK UNK A . n 
A 1 357 UNK 357 357 357 UNK UNK A . n 
A 1 358 UNK 358 358 358 UNK UNK A . n 
A 1 359 UNK 359 359 359 UNK UNK A . n 
A 1 360 UNK 360 360 360 UNK UNK A . n 
A 1 361 UNK 361 361 361 UNK UNK A . n 
A 1 362 UNK 362 362 362 UNK UNK A . n 
A 1 363 UNK 363 363 363 UNK UNK A . n 
A 1 364 UNK 364 364 364 UNK UNK A . n 
A 1 365 UNK 365 365 365 UNK UNK A . n 
A 1 366 UNK 366 366 366 UNK UNK A . n 
A 1 367 UNK 367 367 367 UNK UNK A . n 
A 1 368 UNK 368 368 368 UNK UNK A . n 
A 1 369 UNK 369 369 369 UNK UNK A . n 
A 1 370 UNK 370 370 370 UNK UNK A . n 
A 1 371 UNK 371 371 371 UNK UNK A . n 
A 1 372 UNK 372 372 372 UNK UNK A . n 
A 1 373 UNK 373 373 373 UNK UNK A . n 
A 1 374 UNK 374 374 374 UNK UNK A . n 
A 1 375 UNK 375 375 375 UNK UNK A . n 
A 1 376 UNK 376 376 376 UNK UNK A . n 
A 1 377 UNK 377 377 377 UNK UNK A . n 
A 1 378 UNK 378 378 378 UNK UNK A . n 
A 1 379 UNK 379 379 379 UNK UNK A . n 
A 1 380 UNK 380 380 380 UNK UNK A . n 
A 1 381 UNK 381 381 381 UNK UNK A . n 
A 1 382 UNK 382 382 382 UNK UNK A . n 
A 1 383 UNK 383 383 383 UNK UNK A . n 
A 1 384 UNK 384 384 384 UNK UNK A . n 
A 1 385 UNK 385 385 385 UNK UNK A . n 
A 1 386 UNK 386 386 386 UNK UNK A . n 
A 1 387 UNK 387 387 387 UNK UNK A . n 
A 1 388 UNK 388 388 388 UNK UNK A . n 
A 1 389 UNK 389 389 389 UNK UNK A . n 
A 1 390 UNK 390 390 390 UNK UNK A . n 
A 1 391 UNK 391 391 391 UNK UNK A . n 
A 1 392 UNK 392 392 392 UNK UNK A . n 
A 1 393 UNK 393 393 393 UNK UNK A . n 
A 1 394 UNK 394 394 394 UNK UNK A . n 
A 1 395 UNK 395 395 395 UNK UNK A . n 
A 1 396 UNK 396 396 396 UNK UNK A . n 
A 1 397 UNK 397 397 397 UNK UNK A . n 
A 1 398 UNK 398 398 398 UNK UNK A . n 
A 1 399 UNK 399 399 399 UNK UNK A . n 
A 1 400 UNK 400 400 400 UNK UNK A . n 
A 1 401 UNK 401 401 401 UNK UNK A . n 
A 1 402 UNK 402 402 402 UNK UNK A . n 
A 1 403 UNK 403 403 403 UNK UNK A . n 
A 1 404 UNK 404 404 404 UNK UNK A . n 
A 1 405 UNK 405 405 405 UNK UNK A . n 
A 1 406 UNK 406 406 406 UNK UNK A . n 
A 1 407 UNK 407 407 407 UNK UNK A . n 
A 1 408 UNK 408 408 408 UNK UNK A . n 
A 1 409 UNK 409 409 409 UNK UNK A . n 
A 1 410 UNK 410 410 410 UNK UNK A . n 
A 1 411 UNK 411 411 411 UNK UNK A . n 
A 1 412 UNK 412 412 412 UNK UNK A . n 
A 1 413 UNK 413 413 413 UNK UNK A . n 
A 1 414 UNK 414 414 414 UNK UNK A . n 
A 1 415 UNK 415 415 415 UNK UNK A . n 
A 1 416 UNK 416 416 416 UNK UNK A . n 
A 1 417 UNK 417 417 417 UNK UNK A . n 
A 1 418 UNK 418 418 418 UNK UNK A . n 
A 1 419 UNK 419 419 419 UNK UNK A . n 
A 1 420 UNK 420 420 420 UNK UNK A . n 
A 1 421 UNK 421 421 421 UNK UNK A . n 
A 1 422 UNK 422 422 422 UNK UNK A . n 
A 1 423 UNK 423 423 423 UNK UNK A . n 
A 1 424 UNK 424 424 424 UNK UNK A . n 
A 1 425 UNK 425 425 425 UNK UNK A . n 
A 1 426 UNK 426 426 426 UNK UNK A . n 
A 1 427 UNK 427 427 427 UNK UNK A . n 
A 1 428 UNK 428 428 428 UNK UNK A . n 
A 1 429 UNK 429 429 429 UNK UNK A . n 
A 1 430 UNK 430 430 430 UNK UNK A . n 
A 1 431 UNK 431 431 431 UNK UNK A . n 
A 1 432 UNK 432 432 432 UNK UNK A . n 
A 1 433 UNK 433 433 433 UNK UNK A . n 
A 1 434 UNK 434 434 434 UNK UNK A . n 
A 1 435 UNK 435 435 435 UNK UNK A . n 
A 1 436 UNK 436 436 436 UNK UNK A . n 
A 1 437 UNK 437 437 437 UNK UNK A . n 
A 1 438 UNK 438 438 438 UNK UNK A . n 
A 1 439 UNK 439 439 439 UNK UNK A . n 
A 1 440 UNK 440 440 440 UNK UNK A . n 
A 1 441 UNK 441 441 441 UNK UNK A . n 
A 1 442 UNK 442 442 442 UNK UNK A . n 
A 1 443 UNK 443 443 443 UNK UNK A . n 
A 1 444 UNK 444 444 444 UNK UNK A . n 
A 1 445 UNK 445 445 445 UNK UNK A . n 
A 1 446 UNK 446 446 446 UNK UNK A . n 
A 1 447 UNK 447 447 447 UNK UNK A . n 
A 1 448 UNK 448 448 448 UNK UNK A . n 
A 1 449 UNK 449 449 449 UNK UNK A . n 
A 1 450 UNK 450 450 450 UNK UNK A . n 
A 1 451 UNK 451 451 451 UNK UNK A . n 
A 1 452 UNK 452 452 452 UNK UNK A . n 
A 1 453 UNK 453 453 453 UNK UNK A . n 
A 1 454 UNK 454 454 454 UNK UNK A . n 
A 1 455 UNK 455 455 455 UNK UNK A . n 
A 1 456 UNK 456 456 456 UNK UNK A . n 
A 1 457 UNK 457 457 457 UNK UNK A . n 
A 1 458 UNK 458 458 458 UNK UNK A . n 
A 1 459 UNK 459 459 459 UNK UNK A . n 
A 1 460 UNK 460 460 460 UNK UNK A . n 
A 1 461 UNK 461 461 461 UNK UNK A . n 
A 1 462 UNK 462 462 462 UNK UNK A . n 
A 1 463 UNK 463 463 463 UNK UNK A . n 
A 1 464 UNK 464 464 464 UNK UNK A . n 
A 1 465 UNK 465 465 465 UNK UNK A . n 
A 1 466 UNK 466 466 466 UNK UNK A . n 
A 1 467 UNK 467 467 467 UNK UNK A . n 
A 1 468 UNK 468 468 468 UNK UNK A . n 
A 1 469 UNK 469 469 469 UNK UNK A . n 
A 1 470 UNK 470 470 470 UNK UNK A . n 
A 1 471 UNK 471 471 471 UNK UNK A . n 
A 1 472 UNK 472 472 472 UNK UNK A . n 
A 1 473 UNK 473 473 473 UNK UNK A . n 
A 1 474 UNK 474 474 474 UNK UNK A . n 
A 1 475 UNK 475 475 475 UNK UNK A . n 
A 1 476 UNK 476 476 476 UNK UNK A . n 
A 1 477 UNK 477 477 477 UNK UNK A . n 
A 1 478 UNK 478 478 478 UNK UNK A . n 
A 1 479 UNK 479 479 479 UNK UNK A . n 
A 1 480 UNK 480 480 480 UNK UNK A . n 
A 1 481 UNK 481 481 481 UNK UNK A . n 
A 1 482 UNK 482 482 482 UNK UNK A . n 
A 1 483 UNK 483 483 483 UNK UNK A . n 
A 1 484 UNK 484 484 484 UNK UNK A . n 
A 1 485 UNK 485 485 485 UNK UNK A . n 
A 1 486 UNK 486 486 486 UNK UNK A . n 
A 1 487 UNK 487 487 487 UNK UNK A . n 
A 1 488 UNK 488 488 488 UNK UNK A . n 
A 1 489 UNK 489 489 489 UNK UNK A . n 
A 1 490 UNK 490 490 490 UNK UNK A . n 
A 1 491 UNK 491 491 491 UNK UNK A . n 
A 1 492 UNK 492 492 492 UNK UNK A . n 
A 1 493 UNK 493 493 493 UNK UNK A . n 
A 1 494 UNK 494 494 494 UNK UNK A . n 
A 1 495 UNK 495 495 495 UNK UNK A . n 
A 1 496 UNK 496 496 496 UNK UNK A . n 
A 1 497 UNK 497 497 497 UNK UNK A . n 
A 1 498 UNK 498 498 498 UNK UNK A . n 
A 1 499 UNK 499 499 499 UNK UNK A . n 
A 1 500 UNK 500 500 500 UNK UNK A . n 
A 1 501 UNK 501 501 501 UNK UNK A . n 
A 1 502 UNK 502 502 502 UNK UNK A . n 
A 1 503 UNK 503 503 503 UNK UNK A . n 
A 1 504 UNK 504 504 504 UNK UNK A . n 
A 1 505 UNK 505 505 505 UNK UNK A . n 
A 1 506 UNK 506 506 506 UNK UNK A . n 
A 1 507 UNK 507 507 507 UNK UNK A . n 
A 1 508 UNK 508 508 508 UNK UNK A . n 
A 1 509 UNK 509 509 509 UNK UNK A . n 
A 1 510 UNK 510 510 510 UNK UNK A . n 
A 1 511 UNK 511 511 511 UNK UNK A . n 
A 1 512 UNK 512 512 512 UNK UNK A . n 
A 1 513 UNK 513 513 513 UNK UNK A . n 
A 1 514 UNK 514 514 514 UNK UNK A . n 
# 
_cell.entry_id           1PGI 
_cell.length_a           95.200 
_cell.length_b           95.200 
_cell.length_c           138.300 
_cell.angle_alpha        90.00 
_cell.angle_beta         90.00 
_cell.angle_gamma        90.00 
_cell.Z_PDB              8 
_cell.pdbx_unique_axis   ? 
# 
_symmetry.entry_id                         1PGI 
_symmetry.space_group_name_H-M             'P 43 21 2' 
_symmetry.pdbx_full_space_group_name_H-M   ? 
_symmetry.cell_setting                     ? 
_symmetry.Int_Tables_number                96 
# 
_exptl.entry_id          1PGI 
_exptl.method            'X-RAY DIFFRACTION' 
_exptl.crystals_number   ? 
# 
_exptl_crystal.id                    1 
_exptl_crystal.density_meas          ? 
_exptl_crystal.density_Matthews      3.58 
_exptl_crystal.density_percent_sol   65.64 
_exptl_crystal.description           ? 
# 
_diffrn.id                     1 
_diffrn.ambient_temp           ? 
_diffrn.ambient_temp_details   ? 
_diffrn.crystal_id             1 
# 
_diffrn_radiation.diffrn_id                        1 
_diffrn_radiation.wavelength_id                    1 
_diffrn_radiation.pdbx_monochromatic_or_laue_m_l   ? 
_diffrn_radiation.monochromator                    ? 
_diffrn_radiation.pdbx_diffrn_protocol             ? 
_diffrn_radiation.pdbx_scattering_type             x-ray 
# 
_diffrn_radiation_wavelength.id           1 
_diffrn_radiation_wavelength.wavelength   . 
_diffrn_radiation_wavelength.wt           1.0 
# 
_refine.entry_id                                 1PGI 
_refine.ls_number_reflns_obs                     ? 
_refine.ls_number_reflns_all                     ? 
_refine.pdbx_ls_sigma_I                          ? 
_refine.pdbx_ls_sigma_F                          ? 
_refine.pdbx_data_cutoff_high_absF               ? 
_refine.pdbx_data_cutoff_low_absF                ? 
_refine.pdbx_data_cutoff_high_rms_absF           ? 
_refine.ls_d_res_low                             ? 
_refine.ls_d_res_high                            3.5 
_refine.ls_percent_reflns_obs                    ? 
_refine.ls_R_factor_obs                          ? 
_refine.ls_R_factor_all                          ? 
_refine.ls_R_factor_R_work                       ? 
_refine.ls_R_factor_R_free                       ? 
_refine.ls_R_factor_R_free_error                 ? 
_refine.ls_R_factor_R_free_error_details         ? 
_refine.ls_percent_reflns_R_free                 ? 
_refine.ls_number_reflns_R_free                  ? 
_refine.ls_number_parameters                     ? 
_refine.ls_number_restraints                     ? 
_refine.occupancy_min                            ? 
_refine.occupancy_max                            ? 
_refine.B_iso_mean                               ? 
_refine.aniso_B[1][1]                            ? 
_refine.aniso_B[2][2]                            ? 
_refine.aniso_B[3][3]                            ? 
_refine.aniso_B[1][2]                            ? 
_refine.aniso_B[1][3]                            ? 
_refine.aniso_B[2][3]                            ? 
_refine.solvent_model_details                    ? 
_refine.solvent_model_param_ksol                 ? 
_refine.solvent_model_param_bsol                 ? 
_refine.pdbx_ls_cross_valid_method               ? 
_refine.details                                  ? 
_refine.pdbx_starting_model                      ? 
_refine.pdbx_method_to_determine_struct          ? 
_refine.pdbx_isotropic_thermal_model             ? 
_refine.pdbx_stereochemistry_target_values       ? 
_refine.pdbx_stereochem_target_val_spec_case     ? 
_refine.pdbx_R_Free_selection_details            ? 
_refine.pdbx_overall_ESU_R                       ? 
_refine.pdbx_overall_ESU_R_Free                  ? 
_refine.overall_SU_ML                            ? 
_refine.overall_SU_B                             ? 
_refine.pdbx_refine_id                           'X-RAY DIFFRACTION' 
_refine.pdbx_diffrn_id                           1 
_refine.pdbx_TLS_residual_ADP_flag               ? 
_refine.correlation_coeff_Fo_to_Fc               ? 
_refine.correlation_coeff_Fo_to_Fc_free          ? 
_refine.pdbx_solvent_vdw_probe_radii             ? 
_refine.pdbx_solvent_ion_probe_radii             ? 
_refine.pdbx_solvent_shrinkage_radii             ? 
_refine.pdbx_overall_phase_error                 ? 
_refine.overall_SU_R_Cruickshank_DPI             ? 
_refine.pdbx_overall_SU_R_free_Cruickshank_DPI   ? 
_refine.pdbx_overall_SU_R_Blow_DPI               ? 
_refine.pdbx_overall_SU_R_free_Blow_DPI          ? 
# 
_refine_hist.pdbx_refine_id                   'X-RAY DIFFRACTION' 
_refine_hist.cycle_id                         LAST 
_refine_hist.pdbx_number_atoms_protein        514 
_refine_hist.pdbx_number_atoms_nucleic_acid   0 
_refine_hist.pdbx_number_atoms_ligand         0 
_refine_hist.number_atoms_solvent             0 
_refine_hist.number_atoms_total               514 
_refine_hist.d_res_high                       3.5 
_refine_hist.d_res_low                        . 
# 
_struct.entry_id                  1PGI 
_struct.title                     
'CRYSTALLOGRAPHIC STRUCTURE ANALYSIS OF GLUCOSE 6-PHOSPHATE ISOMERASE AT 3.5 ANGSTROMS RESOLUTION' 
_struct.pdbx_model_details        ? 
_struct.pdbx_CASP_flag            ? 
_struct.pdbx_model_type_details   ? 
# 
_struct_keywords.entry_id        1PGI 
_struct_keywords.pdbx_keywords   'ISOMERASE(INTRAMOLECULAR ALDOSE/KETOSE)' 
_struct_keywords.text            'ISOMERASE(INTRAMOLECULAR ALDOSE/KETOSE), ISOMERASE(INTRAMOLECULAR ALDOSE-KETOSE) complex' 
# 
_struct_asym.id                            A 
_struct_asym.pdbx_blank_PDB_chainid_flag   N 
_struct_asym.pdbx_modified                 N 
_struct_asym.entity_id                     1 
_struct_asym.details                       ? 
# 
_struct_ref.id                         1 
_struct_ref.entity_id                  1 
_struct_ref.db_name                    PDB 
_struct_ref.db_code                    1PGI 
_struct_ref.pdbx_db_accession          1PGI 
_struct_ref.pdbx_db_isoform            ? 
_struct_ref.pdbx_seq_one_letter_code   ? 
_struct_ref.pdbx_align_begin           ? 
# 
_struct_ref_seq.align_id                      1 
_struct_ref_seq.ref_id                        1 
_struct_ref_seq.pdbx_PDB_id_code              1PGI 
_struct_ref_seq.pdbx_strand_id                A 
_struct_ref_seq.seq_align_beg                 1 
_struct_ref_seq.pdbx_seq_align_beg_ins_code   ? 
_struct_ref_seq.seq_align_end                 514 
_struct_ref_seq.pdbx_seq_align_end_ins_code   ? 
_struct_ref_seq.pdbx_db_accession             1PGI 
_struct_ref_seq.db_align_beg                  1 
_struct_ref_seq.pdbx_db_align_beg_ins_code    ? 
_struct_ref_seq.db_align_end                  514 
_struct_ref_seq.pdbx_db_align_end_ins_code    ? 
_struct_ref_seq.pdbx_auth_seq_align_beg       1 
_struct_ref_seq.pdbx_auth_seq_align_end       514 
# 
_pdbx_struct_assembly.id                   1 
_pdbx_struct_assembly.details              author_defined_assembly 
_pdbx_struct_assembly.method_details       ? 
_pdbx_struct_assembly.oligomeric_details   monomeric 
_pdbx_struct_assembly.oligomeric_count     1 
# 
_pdbx_struct_assembly_gen.assembly_id       1 
_pdbx_struct_assembly_gen.oper_expression   1 
_pdbx_struct_assembly_gen.asym_id_list      A 
# 
_pdbx_struct_oper_list.id                   1 
_pdbx_struct_oper_list.type                 'identity operation' 
_pdbx_struct_oper_list.name                 1_555 
_pdbx_struct_oper_list.symmetry_operation   x,y,z 
_pdbx_struct_oper_list.matrix[1][1]         1.0000000000 
_pdbx_struct_oper_list.matrix[1][2]         0.0000000000 
_pdbx_struct_oper_list.matrix[1][3]         0.0000000000 
_pdbx_struct_oper_list.vector[1]            0.0000000000 
_pdbx_struct_oper_list.matrix[2][1]         0.0000000000 
_pdbx_struct_oper_list.matrix[2][2]         1.0000000000 
_pdbx_struct_oper_list.matrix[2][3]         0.0000000000 
_pdbx_struct_oper_list.vector[2]            0.0000000000 
_pdbx_struct_oper_list.matrix[3][1]         0.0000000000 
_pdbx_struct_oper_list.matrix[3][2]         0.0000000000 
_pdbx_struct_oper_list.matrix[3][3]         1.0000000000 
_pdbx_struct_oper_list.vector[3]            0.0000000000 
# 
_struct_biol.id   1 
# 
loop_
_struct_conf.conf_type_id 
_struct_conf.id 
_struct_conf.pdbx_PDB_helix_id 
_struct_conf.beg_label_comp_id 
_struct_conf.beg_label_asym_id 
_struct_conf.beg_label_seq_id 
_struct_conf.pdbx_beg_PDB_ins_code 
_struct_conf.end_label_comp_id 
_struct_conf.end_label_asym_id 
_struct_conf.end_label_seq_id 
_struct_conf.pdbx_end_PDB_ins_code 
_struct_conf.beg_auth_comp_id 
_struct_conf.beg_auth_asym_id 
_struct_conf.beg_auth_seq_id 
_struct_conf.end_auth_comp_id 
_struct_conf.end_auth_asym_id 
_struct_conf.end_auth_seq_id 
_struct_conf.pdbx_PDB_helix_class 
_struct_conf.details 
_struct_conf.pdbx_PDB_helix_length 
HELX_P HELX_P1  A1  UNK A 4   ? UNK A 10  ? UNK A 4   UNK A 10  1 ? 7  
HELX_P HELX_P2  A2  UNK A 42  ? UNK A 53  ? UNK A 42  UNK A 53  1 ? 12 
HELX_P HELX_P3  A3  UNK A 73  ? UNK A 82  ? UNK A 73  UNK A 82  1 ? 10 
HELX_P HELX_P4  A4  UNK A 99  ? UNK A 105 ? UNK A 99  UNK A 105 1 ? 7  
HELX_P HELX_P5  A5  UNK A 127 ? UNK A 142 ? UNK A 127 UNK A 142 1 ? 16 
HELX_P HELX_P6  A6  UNK A 186 ? UNK A 205 ? UNK A 186 UNK A 205 1 ? 20 
HELX_P HELX_P7  A7  UNK A 223 ? UNK A 232 ? UNK A 223 UNK A 232 1 ? 10 
HELX_P HELX_P8  A8  UNK A 241 ? UNK A 247 ? UNK A 241 UNK A 247 1 ? 7  
HELX_P HELX_P9  A9  UNK A 263 ? UNK A 270 ? UNK A 263 UNK A 270 1 ? 8  
HELX_P HELX_P10 A10 UNK A 300 ? UNK A 316 ? UNK A 300 UNK A 316 1 ? 17 
HELX_P HELX_P11 A11 UNK A 342 ? UNK A 347 ? UNK A 342 UNK A 347 1 ? 6  
HELX_P HELX_P12 A12 UNK A 367 ? UNK A 377 ? UNK A 367 UNK A 377 1 ? 11 
HELX_P HELX_P13 A13 UNK A 400 ? UNK A 406 ? UNK A 400 UNK A 406 1 ? 7  
HELX_P HELX_P14 A14 UNK A 431 ? UNK A 435 ? UNK A 431 UNK A 435 1 ? 5  
HELX_P HELX_P15 A15 UNK A 442 ? UNK A 452 ? UNK A 442 UNK A 452 1 ? 11 
HELX_P HELX_P16 A16 UNK A 472 ? UNK A 483 ? UNK A 472 UNK A 483 1 ? 12 
HELX_P HELX_P17 A17 UNK A 491 ? UNK A 498 ? UNK A 491 UNK A 498 1 ? 8  
# 
_struct_conf_type.id          HELX_P 
_struct_conf_type.criteria    ? 
_struct_conf_type.reference   ? 
# 
loop_
_struct_sheet.id 
_struct_sheet.type 
_struct_sheet.number_strands 
_struct_sheet.details 
S1 ? 6 ? 
S2 ? 4 ? 
# 
loop_
_struct_sheet_order.sheet_id 
_struct_sheet_order.range_id_1 
_struct_sheet_order.range_id_2 
_struct_sheet_order.offset 
_struct_sheet_order.sense 
S1 1 2 ? parallel 
S1 2 3 ? parallel 
S1 3 4 ? parallel 
S1 4 5 ? parallel 
S1 5 6 ? parallel 
S2 1 2 ? parallel 
S2 2 3 ? parallel 
S2 3 4 ? parallel 
# 
loop_
_struct_sheet_range.sheet_id 
_struct_sheet_range.id 
_struct_sheet_range.beg_label_comp_id 
_struct_sheet_range.beg_label_asym_id 
_struct_sheet_range.beg_label_seq_id 
_struct_sheet_range.pdbx_beg_PDB_ins_code 
_struct_sheet_range.end_label_comp_id 
_struct_sheet_range.end_label_asym_id 
_struct_sheet_range.end_label_seq_id 
_struct_sheet_range.pdbx_end_PDB_ins_code 
_struct_sheet_range.beg_auth_comp_id 
_struct_sheet_range.beg_auth_asym_id 
_struct_sheet_range.beg_auth_seq_id 
_struct_sheet_range.end_auth_comp_id 
_struct_sheet_range.end_auth_asym_id 
_struct_sheet_range.end_auth_seq_id 
S1 1 UNK A 90  ? UNK A 92  ? UNK A 90  UNK A 92  
S1 2 UNK A 63  ? UNK A 67  ? UNK A 63  UNK A 67  
S1 3 UNK A 112 ? UNK A 117 ? UNK A 112 UNK A 117 
S1 4 UNK A 172 ? UNK A 178 ? UNK A 172 UNK A 178 
S1 5 UNK A 459 ? UNK A 463 ? UNK A 459 UNK A 463 
S1 6 UNK A 253 ? UNK A 255 ? UNK A 253 UNK A 255 
S2 1 UNK A 331 ? UNK A 332 ? UNK A 331 UNK A 332 
S2 2 UNK A 353 ? UNK A 355 ? UNK A 353 UNK A 355 
S2 3 UNK A 391 ? UNK A 394 ? UNK A 391 UNK A 394 
S2 4 UNK A 412 ? UNK A 413 ? UNK A 412 UNK A 413 
# 
loop_
_pdbx_validate_symm_contact.id 
_pdbx_validate_symm_contact.PDB_model_num 
_pdbx_validate_symm_contact.auth_atom_id_1 
_pdbx_validate_symm_contact.auth_asym_id_1 
_pdbx_validate_symm_contact.auth_comp_id_1 
_pdbx_validate_symm_contact.auth_seq_id_1 
_pdbx_validate_symm_contact.PDB_ins_code_1 
_pdbx_validate_symm_contact.label_alt_id_1 
_pdbx_validate_symm_contact.site_symmetry_1 
_pdbx_validate_symm_contact.auth_atom_id_2 
_pdbx_validate_symm_contact.auth_asym_id_2 
_pdbx_validate_symm_contact.auth_comp_id_2 
_pdbx_validate_symm_contact.auth_seq_id_2 
_pdbx_validate_symm_contact.PDB_ins_code_2 
_pdbx_validate_symm_contact.label_alt_id_2 
_pdbx_validate_symm_contact.site_symmetry_2 
_pdbx_validate_symm_contact.dist 
1 1 CA A UNK 90 ? ? 1_555 CA A UNK 90  ? ? 8_665 0.80 
2 1 CA A UNK 86 ? ? 1_555 CA A UNK 103 ? ? 8_665 1.27 
# 
_pdbx_coordinate_model.asym_id   A 
_pdbx_coordinate_model.type      'CA ATOMS ONLY' 
# 
_atom_sites.entry_id                    1PGI 
_atom_sites.fract_transf_matrix[1][1]   -0.00570062 
_atom_sites.fract_transf_matrix[1][2]   -0.00519497 
_atom_sites.fract_transf_matrix[1][3]   -0.00713086 
_atom_sites.fract_transf_matrix[2][1]   0.00865290 
_atom_sites.fract_transf_matrix[2][2]   -0.00163537 
_atom_sites.fract_transf_matrix[2][3]   -0.00572599 
_atom_sites.fract_transf_matrix[3][1]   0.00118522 
_atom_sites.fract_transf_matrix[3][2]   -0.00618308 
_atom_sites.fract_transf_matrix[3][3]   0.00355699 
_atom_sites.fract_transf_vector[1]      0.478496 
_atom_sites.fract_transf_vector[2]      0.318128 
_atom_sites.fract_transf_vector[3]      0.223811 
# 
_atom_type.symbol   C 
# 
loop_
_atom_site.group_PDB 
_atom_site.id 
_atom_site.type_symbol 
_atom_site.label_atom_id 
_atom_site.label_alt_id 
_atom_site.label_comp_id 
_atom_site.label_asym_id 
_atom_site.label_entity_id 
_atom_site.label_seq_id 
_atom_site.pdbx_PDB_ins_code 
_atom_site.Cartn_x 
_atom_site.Cartn_y 
_atom_site.Cartn_z 
_atom_site.occupancy 
_atom_site.B_iso_or_equiv 
_atom_site.pdbx_formal_charge 
_atom_site.auth_seq_id 
_atom_site.auth_comp_id 
_atom_site.auth_asym_id 
_atom_site.auth_atom_id 
_atom_site.pdbx_PDB_model_num 
ATOM 1   C CA . UNK A 1 1   ? 18.084  10.942  -1.137  1.00 0.00 ? 1   UNK A CA 1 
ATOM 2   C CA . UNK A 1 2   ? 16.999  8.855   -4.200  1.00 0.00 ? 2   UNK A CA 1 
ATOM 3   C CA . UNK A 1 3   ? 15.244  5.710   -5.219  1.00 0.00 ? 3   UNK A CA 1 
ATOM 4   C CA . UNK A 1 4   ? 15.977  5.146   -1.565  1.00 0.00 ? 4   UNK A CA 1 
ATOM 5   C CA . UNK A 1 5   ? 12.248  5.532   -1.074  1.00 0.00 ? 5   UNK A CA 1 
ATOM 6   C CA . UNK A 1 6   ? 11.317  2.232   -2.639  1.00 0.00 ? 6   UNK A CA 1 
ATOM 7   C CA . UNK A 1 7   ? 14.412  0.437   -1.302  1.00 0.00 ? 7   UNK A CA 1 
ATOM 8   C CA . UNK A 1 8   ? 13.316  0.460   2.356   1.00 0.00 ? 8   UNK A CA 1 
ATOM 9   C CA . UNK A 1 9   ? 9.728   -0.324  1.376   1.00 0.00 ? 9   UNK A CA 1 
ATOM 10  C CA . UNK A 1 10  ? 9.925   -3.704  -0.296  1.00 0.00 ? 10  UNK A CA 1 
ATOM 11  C CA . UNK A 1 11  ? 12.566  -3.940  2.479   1.00 0.00 ? 11  UNK A CA 1 
ATOM 12  C CA . UNK A 1 12  ? 10.281  -6.368  4.306   1.00 0.00 ? 12  UNK A CA 1 
ATOM 13  C CA . UNK A 1 13  ? 10.523  -10.057 3.707   1.00 0.00 ? 13  UNK A CA 1 
ATOM 14  C CA . UNK A 1 14  ? 7.373   -11.534 5.239   1.00 0.00 ? 14  UNK A CA 1 
ATOM 15  C CA . UNK A 1 15  ? 5.260   -9.685  7.938   1.00 0.00 ? 15  UNK A CA 1 
ATOM 16  C CA . UNK A 1 16  ? 2.478   -9.168  10.374  1.00 0.00 ? 16  UNK A CA 1 
ATOM 17  C CA . UNK A 1 17  ? 3.753   -6.247  12.383  1.00 0.00 ? 17  UNK A CA 1 
ATOM 18  C CA . UNK A 1 18  ? 7.320   -5.958  11.088  1.00 0.00 ? 18  UNK A CA 1 
ATOM 19  C CA . UNK A 1 19  ? 7.423   -2.510  9.525   1.00 0.00 ? 19  UNK A CA 1 
ATOM 20  C CA . UNK A 1 20  ? 4.105   -0.945  10.301  1.00 0.00 ? 20  UNK A CA 1 
ATOM 21  C CA . UNK A 1 21  ? 1.685   -2.697  8.062   1.00 0.00 ? 21  UNK A CA 1 
ATOM 22  C CA . UNK A 1 22  ? -1.243  -4.082  10.086  1.00 0.00 ? 22  UNK A CA 1 
ATOM 23  C CA . UNK A 1 23  ? -0.872  -4.413  13.860  1.00 0.00 ? 23  UNK A CA 1 
ATOM 24  C CA . UNK A 1 24  ? 1.429   -1.956  15.534  1.00 0.00 ? 24  UNK A CA 1 
ATOM 25  C CA . UNK A 1 25  ? 0.338   -3.296  18.855  1.00 0.00 ? 25  UNK A CA 1 
ATOM 26  C CA . UNK A 1 26  ? -2.724  -5.580  18.548  1.00 0.00 ? 26  UNK A CA 1 
ATOM 27  C CA . UNK A 1 27  ? -4.616  -4.692  15.436  1.00 0.00 ? 27  UNK A CA 1 
ATOM 28  C CA . UNK A 1 28  ? -5.636  -1.271  14.201  1.00 0.00 ? 28  UNK A CA 1 
ATOM 29  C CA . UNK A 1 29  ? -5.118  1.075   11.195  1.00 0.00 ? 29  UNK A CA 1 
ATOM 30  C CA . UNK A 1 30  ? -7.611  3.973   11.370  1.00 0.00 ? 30  UNK A CA 1 
ATOM 31  C CA . UNK A 1 31  ? -7.831  6.900   13.686  1.00 0.00 ? 31  UNK A CA 1 
ATOM 32  C CA . UNK A 1 32  ? -4.728  8.707   12.540  1.00 0.00 ? 32  UNK A CA 1 
ATOM 33  C CA . UNK A 1 33  ? -7.212  11.299  11.165  1.00 0.00 ? 33  UNK A CA 1 
ATOM 34  C CA . UNK A 1 34  ? -8.936  11.614  14.523  1.00 0.00 ? 34  UNK A CA 1 
ATOM 35  C CA . UNK A 1 35  ? -12.524 12.499  13.801  1.00 0.00 ? 35  UNK A CA 1 
ATOM 36  C CA . UNK A 1 36  ? -13.052 13.652  10.289  1.00 0.00 ? 36  UNK A CA 1 
ATOM 37  C CA . UNK A 1 37  ? -12.419 10.076  9.148   1.00 0.00 ? 37  UNK A CA 1 
ATOM 38  C CA . UNK A 1 38  ? -15.196 8.863   6.949   1.00 0.00 ? 38  UNK A CA 1 
ATOM 39  C CA . UNK A 1 39  ? -15.759 12.562  7.061   1.00 0.00 ? 39  UNK A CA 1 
ATOM 40  C CA . UNK A 1 40  ? -13.398 12.747  4.155   1.00 0.00 ? 40  UNK A CA 1 
ATOM 41  C CA . UNK A 1 41  ? -12.702 9.008   3.523   1.00 0.00 ? 41  UNK A CA 1 
ATOM 42  C CA . UNK A 1 42  ? -9.561  7.201   2.182   1.00 0.00 ? 42  UNK A CA 1 
ATOM 43  C CA . UNK A 1 43  ? -9.389  3.642   3.459   1.00 0.00 ? 43  UNK A CA 1 
ATOM 44  C CA . UNK A 1 44  ? -13.170 4.211   3.268   1.00 0.00 ? 44  UNK A CA 1 
ATOM 45  C CA . UNK A 1 45  ? -13.578 3.815   -0.537  1.00 0.00 ? 45  UNK A CA 1 
ATOM 46  C CA . UNK A 1 46  ? -9.512  1.254   -0.448  1.00 0.00 ? 46  UNK A CA 1 
ATOM 47  C CA . UNK A 1 47  ? -13.156 -1.227  -0.294  1.00 0.00 ? 47  UNK A CA 1 
ATOM 48  C CA . UNK A 1 48  ? -16.772 -0.277  -0.894  1.00 0.00 ? 48  UNK A CA 1 
ATOM 49  C CA . UNK A 1 49  ? -15.394 -0.033  -4.383  1.00 0.00 ? 49  UNK A CA 1 
ATOM 50  C CA . UNK A 1 50  ? -13.898 -3.535  -4.058  1.00 0.00 ? 50  UNK A CA 1 
ATOM 51  C CA . UNK A 1 51  ? -17.313 -5.133  -3.258  1.00 0.00 ? 51  UNK A CA 1 
ATOM 52  C CA . UNK A 1 52  ? -19.559 -3.632  -5.797  1.00 0.00 ? 52  UNK A CA 1 
ATOM 53  C CA . UNK A 1 53  ? -18.090 -4.692  -9.145  1.00 0.00 ? 53  UNK A CA 1 
ATOM 54  C CA . UNK A 1 54  ? -17.172 -8.339  -9.284  1.00 0.00 ? 54  UNK A CA 1 
ATOM 55  C CA . UNK A 1 55  ? -19.179 -9.960  -6.351  1.00 0.00 ? 55  UNK A CA 1 
ATOM 56  C CA . UNK A 1 56  ? -21.551 -7.513  -4.764  1.00 0.00 ? 56  UNK A CA 1 
ATOM 57  C CA . UNK A 1 57  ? -24.028 -7.308  -7.648  1.00 0.00 ? 57  UNK A CA 1 
ATOM 58  C CA . UNK A 1 58  ? -22.855 -7.653  -11.281 1.00 0.00 ? 58  UNK A CA 1 
ATOM 59  C CA . UNK A 1 59  ? -19.629 -9.561  -10.997 1.00 0.00 ? 59  UNK A CA 1 
ATOM 60  C CA . UNK A 1 60  ? -17.249 -10.256 -8.120  1.00 0.00 ? 60  UNK A CA 1 
ATOM 61  C CA . UNK A 1 61  ? -13.934 -12.054 -8.283  1.00 0.00 ? 61  UNK A CA 1 
ATOM 62  C CA . UNK A 1 62  ? -11.156 -9.446  -8.132  1.00 0.00 ? 62  UNK A CA 1 
ATOM 63  C CA . UNK A 1 63  ? -9.674  -7.740  -11.149 1.00 0.00 ? 63  UNK A CA 1 
ATOM 64  C CA . UNK A 1 64  ? -7.399  -4.986  -9.965  1.00 0.00 ? 64  UNK A CA 1 
ATOM 65  C CA . UNK A 1 65  ? -3.986  -3.209  -10.453 1.00 0.00 ? 65  UNK A CA 1 
ATOM 66  C CA . UNK A 1 66  ? -2.067  -0.095  -9.542  1.00 0.00 ? 66  UNK A CA 1 
ATOM 67  C CA . UNK A 1 67  ? 0.861   2.135   -10.708 1.00 0.00 ? 67  UNK A CA 1 
ATOM 68  C CA . UNK A 1 68  ? 3.202   3.384   -7.893  1.00 0.00 ? 68  UNK A CA 1 
ATOM 69  C CA . UNK A 1 69  ? 5.712   6.230   -7.848  1.00 0.00 ? 69  UNK A CA 1 
ATOM 70  C CA . UNK A 1 70  ? 9.273   4.978   -8.162  1.00 0.00 ? 70  UNK A CA 1 
ATOM 71  C CA . UNK A 1 71  ? 10.371  1.394   -8.049  1.00 0.00 ? 71  UNK A CA 1 
ATOM 72  C CA . UNK A 1 72  ? 7.692   1.704   -5.397  1.00 0.00 ? 72  UNK A CA 1 
ATOM 73  C CA . UNK A 1 73  ? 5.355   0.349   -7.992  1.00 0.00 ? 73  UNK A CA 1 
ATOM 74  C CA . UNK A 1 74  ? 6.398   -3.284  -7.946  1.00 0.00 ? 74  UNK A CA 1 
ATOM 75  C CA . UNK A 1 75  ? 7.074   -2.715  -4.335  1.00 0.00 ? 75  UNK A CA 1 
ATOM 76  C CA . UNK A 1 76  ? 3.539   -1.760  -3.530  1.00 0.00 ? 76  UNK A CA 1 
ATOM 77  C CA . UNK A 1 77  ? 2.144   -4.800  -5.503  1.00 0.00 ? 77  UNK A CA 1 
ATOM 78  C CA . UNK A 1 78  ? 4.110   -7.339  -3.458  1.00 0.00 ? 78  UNK A CA 1 
ATOM 79  C CA . UNK A 1 79  ? 2.581   -5.631  -0.386  1.00 0.00 ? 79  UNK A CA 1 
ATOM 80  C CA . UNK A 1 80  ? -0.919  -5.713  -1.800  1.00 0.00 ? 80  UNK A CA 1 
ATOM 81  C CA . UNK A 1 81  ? -1.087  -9.504  -2.439  1.00 0.00 ? 81  UNK A CA 1 
ATOM 82  C CA . UNK A 1 82  ? 1.333   -10.836 0.131   1.00 0.00 ? 82  UNK A CA 1 
ATOM 83  C CA . UNK A 1 83  ? -1.014  -9.511  2.810   1.00 0.00 ? 83  UNK A CA 1 
ATOM 84  C CA . UNK A 1 84  ? -3.738  -11.910 1.580   1.00 0.00 ? 84  UNK A CA 1 
ATOM 85  C CA . UNK A 1 85  ? -2.992  -15.493 0.795   1.00 0.00 ? 85  UNK A CA 1 
ATOM 86  C CA . UNK A 1 86  ? -6.464  -16.643 -0.453  1.00 0.00 ? 86  UNK A CA 1 
ATOM 87  C CA . UNK A 1 87  ? -7.956  -15.262 -3.654  1.00 0.00 ? 87  UNK A CA 1 
ATOM 88  C CA . UNK A 1 88  ? -8.501  -11.669 -4.952  1.00 0.00 ? 88  UNK A CA 1 
ATOM 89  C CA . UNK A 1 89  ? -7.794  -11.573 -8.681  1.00 0.00 ? 89  UNK A CA 1 
ATOM 90  C CA . UNK A 1 90  ? -4.791  -10.995 -10.913 1.00 0.00 ? 90  UNK A CA 1 
ATOM 91  C CA . UNK A 1 91  ? -2.528  -8.262  -9.558  1.00 0.00 ? 91  UNK A CA 1 
ATOM 92  C CA . UNK A 1 92  ? 0.158   -6.524  -11.498 1.00 0.00 ? 92  UNK A CA 1 
ATOM 93  C CA . UNK A 1 93  ? 2.795   -4.003  -10.434 1.00 0.00 ? 93  UNK A CA 1 
ATOM 94  C CA . UNK A 1 94  ? 5.203   -1.383  -11.764 1.00 0.00 ? 94  UNK A CA 1 
ATOM 95  C CA . UNK A 1 95  ? 3.821   1.427   -13.737 1.00 0.00 ? 95  UNK A CA 1 
ATOM 96  C CA . UNK A 1 96  ? 3.532   1.742   -17.566 1.00 0.00 ? 96  UNK A CA 1 
ATOM 97  C CA . UNK A 1 97  ? 1.692   -1.049  -19.365 1.00 0.00 ? 97  UNK A CA 1 
ATOM 98  C CA . UNK A 1 98  ? 0.283   -2.355  -22.589 1.00 0.00 ? 98  UNK A CA 1 
ATOM 99  C CA . UNK A 1 99  ? -0.397  -5.947  -21.491 1.00 0.00 ? 99  UNK A CA 1 
ATOM 100 C CA . UNK A 1 100 ? -2.531  -5.322  -18.473 1.00 0.00 ? 100 UNK A CA 1 
ATOM 101 C CA . UNK A 1 101 ? -4.810  -2.805  -20.252 1.00 0.00 ? 101 UNK A CA 1 
ATOM 102 C CA . UNK A 1 102 ? -6.143  -4.845  -23.150 1.00 0.00 ? 102 UNK A CA 1 
ATOM 103 C CA . UNK A 1 103 ? -6.296  -7.604  -20.576 1.00 0.00 ? 103 UNK A CA 1 
ATOM 104 C CA . UNK A 1 104 ? -8.812  -5.730  -18.310 1.00 0.00 ? 104 UNK A CA 1 
ATOM 105 C CA . UNK A 1 105 ? -11.040 -4.494  -21.112 1.00 0.00 ? 105 UNK A CA 1 
ATOM 106 C CA . UNK A 1 106 ? -11.731 -7.968  -22.448 1.00 0.00 ? 106 UNK A CA 1 
ATOM 107 C CA . UNK A 1 107 ? -12.961 -9.827  -19.373 1.00 0.00 ? 107 UNK A CA 1 
ATOM 108 C CA . UNK A 1 108 ? -15.765 -7.703  -17.796 1.00 0.00 ? 108 UNK A CA 1 
ATOM 109 C CA . UNK A 1 109 ? -14.681 -4.454  -16.168 1.00 0.00 ? 109 UNK A CA 1 
ATOM 110 C CA . UNK A 1 110 ? -12.432 -3.800  -13.140 1.00 0.00 ? 110 UNK A CA 1 
ATOM 111 C CA . UNK A 1 111 ? -10.653 -1.185  -11.016 1.00 0.00 ? 111 UNK A CA 1 
ATOM 112 C CA . UNK A 1 112 ? -7.679  0.967   -11.722 1.00 0.00 ? 112 UNK A CA 1 
ATOM 113 C CA . UNK A 1 113 ? -5.439  3.660   -10.023 1.00 0.00 ? 113 UNK A CA 1 
ATOM 114 C CA . UNK A 1 114 ? -2.377  5.691   -10.563 1.00 0.00 ? 114 UNK A CA 1 
ATOM 115 C CA . UNK A 1 115 ? -0.068  7.111   -7.846  1.00 0.00 ? 115 UNK A CA 1 
ATOM 116 C CA . UNK A 1 116 ? 2.326   9.891   -8.691  1.00 0.00 ? 116 UNK A CA 1 
ATOM 117 C CA . UNK A 1 117 ? 4.306   12.198  -6.357  1.00 0.00 ? 117 UNK A CA 1 
ATOM 118 C CA . UNK A 1 118 ? 5.557   15.807  -6.599  1.00 0.00 ? 118 UNK A CA 1 
ATOM 119 C CA . UNK A 1 119 ? 9.290   16.160  -6.010  1.00 0.00 ? 119 UNK A CA 1 
ATOM 120 C CA . UNK A 1 120 ? 12.745  15.041  -7.074  1.00 0.00 ? 120 UNK A CA 1 
ATOM 121 C CA . UNK A 1 121 ? 14.147  14.914  -10.606 1.00 0.00 ? 121 UNK A CA 1 
ATOM 122 C CA . UNK A 1 122 ? 15.614  17.371  -13.127 1.00 0.00 ? 122 UNK A CA 1 
ATOM 123 C CA . UNK A 1 123 ? 16.841  17.076  -16.692 1.00 0.00 ? 123 UNK A CA 1 
ATOM 124 C CA . UNK A 1 124 ? 14.328  18.223  -19.349 1.00 0.00 ? 124 UNK A CA 1 
ATOM 125 C CA . UNK A 1 125 ? 10.691  18.382  -18.471 1.00 0.00 ? 125 UNK A CA 1 
ATOM 126 C CA . UNK A 1 126 ? 8.531   15.441  -19.610 1.00 0.00 ? 126 UNK A CA 1 
ATOM 127 C CA . UNK A 1 127 ? 10.607  13.666  -16.883 1.00 0.00 ? 127 UNK A CA 1 
ATOM 128 C CA . UNK A 1 128 ? 8.370   14.086  -13.780 1.00 0.00 ? 128 UNK A CA 1 
ATOM 129 C CA . UNK A 1 129 ? 5.896   16.033  -15.873 1.00 0.00 ? 129 UNK A CA 1 
ATOM 130 C CA . UNK A 1 130 ? 6.084   12.865  -17.987 1.00 0.00 ? 130 UNK A CA 1 
ATOM 131 C CA . UNK A 1 131 ? 4.626   10.609  -15.325 1.00 0.00 ? 131 UNK A CA 1 
ATOM 132 C CA . UNK A 1 132 ? 1.927   12.938  -13.833 1.00 0.00 ? 132 UNK A CA 1 
ATOM 133 C CA . UNK A 1 133 ? -0.063  13.927  -16.939 1.00 0.00 ? 133 UNK A CA 1 
ATOM 134 C CA . UNK A 1 134 ? 0.569   10.351  -18.081 1.00 0.00 ? 134 UNK A CA 1 
ATOM 135 C CA . UNK A 1 135 ? -1.796  8.604   -15.653 1.00 0.00 ? 135 UNK A CA 1 
ATOM 136 C CA . UNK A 1 136 ? -4.572  11.234  -15.645 1.00 0.00 ? 136 UNK A CA 1 
ATOM 137 C CA . UNK A 1 137 ? -5.666  11.440  -19.192 1.00 0.00 ? 137 UNK A CA 1 
ATOM 138 C CA . UNK A 1 138 ? -5.940  7.623   -19.433 1.00 0.00 ? 138 UNK A CA 1 
ATOM 139 C CA . UNK A 1 139 ? -7.985  7.536   -16.262 1.00 0.00 ? 139 UNK A CA 1 
ATOM 140 C CA . UNK A 1 140 ? -10.641 10.032  -17.136 1.00 0.00 ? 140 UNK A CA 1 
ATOM 141 C CA . UNK A 1 141 ? -10.899 8.275   -20.510 1.00 0.00 ? 141 UNK A CA 1 
ATOM 142 C CA . UNK A 1 142 ? -10.770 4.687   -19.473 1.00 0.00 ? 142 UNK A CA 1 
ATOM 143 C CA . UNK A 1 143 ? -14.170 6.267   -18.642 1.00 0.00 ? 143 UNK A CA 1 
ATOM 144 C CA . UNK A 1 144 ? -12.640 7.052   -22.057 1.00 0.00 ? 144 UNK A CA 1 
ATOM 145 C CA . UNK A 1 145 ? -13.010 6.791   -25.843 1.00 0.00 ? 145 UNK A CA 1 
ATOM 146 C CA . UNK A 1 146 ? -13.220 3.953   -28.469 1.00 0.00 ? 146 UNK A CA 1 
ATOM 147 C CA . UNK A 1 147 ? -15.991 3.459   -31.049 1.00 0.00 ? 147 UNK A CA 1 
ATOM 148 C CA . UNK A 1 148 ? -17.943 2.493   -34.089 1.00 0.00 ? 148 UNK A CA 1 
ATOM 149 C CA . UNK A 1 149 ? -16.901 6.114   -34.465 1.00 0.00 ? 149 UNK A CA 1 
ATOM 150 C CA . UNK A 1 150 ? -18.408 8.910   -36.624 1.00 0.00 ? 150 UNK A CA 1 
ATOM 151 C CA . UNK A 1 151 ? -17.535 7.971   -40.173 1.00 0.00 ? 151 UNK A CA 1 
ATOM 152 C CA . UNK A 1 152 ? -14.456 6.262   -38.885 1.00 0.00 ? 152 UNK A CA 1 
ATOM 153 C CA . UNK A 1 153 ? -13.664 9.867   -38.167 1.00 0.00 ? 153 UNK A CA 1 
ATOM 154 C CA . UNK A 1 154 ? -10.645 10.360  -40.350 1.00 0.00 ? 154 UNK A CA 1 
ATOM 155 C CA . UNK A 1 155 ? -9.315  6.888   -39.916 1.00 0.00 ? 155 UNK A CA 1 
ATOM 156 C CA . UNK A 1 156 ? -10.175 7.618   -43.443 1.00 0.00 ? 156 UNK A CA 1 
ATOM 157 C CA . UNK A 1 157 ? -6.708  8.600   -44.720 1.00 0.00 ? 157 UNK A CA 1 
ATOM 158 C CA . UNK A 1 158 ? -8.375  5.334   -45.574 1.00 0.00 ? 158 UNK A CA 1 
ATOM 159 C CA . UNK A 1 159 ? -11.534 3.383   -46.489 1.00 0.00 ? 159 UNK A CA 1 
ATOM 160 C CA . UNK A 1 160 ? -12.298 -0.287  -47.328 1.00 0.00 ? 160 UNK A CA 1 
ATOM 161 C CA . UNK A 1 161 ? -14.313 -3.132  -45.708 1.00 0.00 ? 161 UNK A CA 1 
ATOM 162 C CA . UNK A 1 162 ? -12.456 -3.670  -42.381 1.00 0.00 ? 162 UNK A CA 1 
ATOM 163 C CA . UNK A 1 163 ? -10.096 -3.097  -39.529 1.00 0.00 ? 163 UNK A CA 1 
ATOM 164 C CA . UNK A 1 164 ? -12.721 -1.322  -37.399 1.00 0.00 ? 164 UNK A CA 1 
ATOM 165 C CA . UNK A 1 165 ? -14.725 -3.967  -35.637 1.00 0.00 ? 165 UNK A CA 1 
ATOM 166 C CA . UNK A 1 166 ? -12.021 -2.127  -33.542 1.00 0.00 ? 166 UNK A CA 1 
ATOM 167 C CA . UNK A 1 167 ? -12.084 -0.181  -30.342 1.00 0.00 ? 167 UNK A CA 1 
ATOM 168 C CA . UNK A 1 168 ? -13.652 -1.100  -26.946 1.00 0.00 ? 168 UNK A CA 1 
ATOM 169 C CA . UNK A 1 169 ? -14.185 -1.027  -23.185 1.00 0.00 ? 169 UNK A CA 1 
ATOM 170 C CA . UNK A 1 170 ? -14.812 0.456   -19.787 1.00 0.00 ? 170 UNK A CA 1 
ATOM 171 C CA . UNK A 1 171 ? -14.274 1.583   -16.178 1.00 0.00 ? 171 UNK A CA 1 
ATOM 172 C CA . UNK A 1 172 ? -13.418 2.628   -12.615 1.00 0.00 ? 172 UNK A CA 1 
ATOM 173 C CA . UNK A 1 173 ? -10.951 5.286   -11.663 1.00 0.00 ? 173 UNK A CA 1 
ATOM 174 C CA . UNK A 1 174 ? -8.570  6.079   -8.841  1.00 0.00 ? 174 UNK A CA 1 
ATOM 175 C CA . UNK A 1 175 ? -6.139  9.014   -8.208  1.00 0.00 ? 175 UNK A CA 1 
ATOM 176 C CA . UNK A 1 176 ? -3.663  8.808   -5.325  1.00 0.00 ? 176 UNK A CA 1 
ATOM 177 C CA . UNK A 1 177 ? -1.854  12.162  -5.384  1.00 0.00 ? 177 UNK A CA 1 
ATOM 178 C CA . UNK A 1 178 ? 0.587   13.722  -2.874  1.00 0.00 ? 178 UNK A CA 1 
ATOM 179 C CA . UNK A 1 179 ? 2.009   17.268  -2.471  1.00 0.00 ? 179 UNK A CA 1 
ATOM 180 C CA . UNK A 1 180 ? 5.005   16.419  -0.269  1.00 0.00 ? 180 UNK A CA 1 
ATOM 181 C CA . UNK A 1 181 ? 6.837   13.551  -2.002  1.00 0.00 ? 181 UNK A CA 1 
ATOM 182 C CA . UNK A 1 182 ? 7.282   9.807   -1.544  1.00 0.00 ? 182 UNK A CA 1 
ATOM 183 C CA . UNK A 1 183 ? 9.961   8.449   0.691   1.00 0.00 ? 183 UNK A CA 1 
ATOM 184 C CA . UNK A 1 184 ? 10.756  7.649   4.321   1.00 0.00 ? 184 UNK A CA 1 
ATOM 185 C CA . UNK A 1 185 ? 7.872   9.609   5.641   1.00 0.00 ? 185 UNK A CA 1 
ATOM 186 C CA . UNK A 1 186 ? 5.249   9.169   2.903   1.00 0.00 ? 186 UNK A CA 1 
ATOM 187 C CA . UNK A 1 187 ? 6.042   5.509   2.579   1.00 0.00 ? 187 UNK A CA 1 
ATOM 188 C CA . UNK A 1 188 ? 4.839   4.841   6.088   1.00 0.00 ? 188 UNK A CA 1 
ATOM 189 C CA . UNK A 1 189 ? 1.837   7.074   5.684   1.00 0.00 ? 189 UNK A CA 1 
ATOM 190 C CA . UNK A 1 190 ? -0.055  5.881   2.615   1.00 0.00 ? 190 UNK A CA 1 
ATOM 191 C CA . UNK A 1 191 ? 0.828   2.426   3.836   1.00 0.00 ? 191 UNK A CA 1 
ATOM 192 C CA . UNK A 1 192 ? -1.407  2.255   6.927   1.00 0.00 ? 192 UNK A CA 1 
ATOM 193 C CA . UNK A 1 193 ? -4.354  4.104   5.431   1.00 0.00 ? 193 UNK A CA 1 
ATOM 194 C CA . UNK A 1 194 ? -4.667  1.886   2.289   1.00 0.00 ? 194 UNK A CA 1 
ATOM 195 C CA . UNK A 1 195 ? -4.237  -1.267  4.390   1.00 0.00 ? 195 UNK A CA 1 
ATOM 196 C CA . UNK A 1 196 ? -7.151  -0.478  6.733   1.00 0.00 ? 196 UNK A CA 1 
ATOM 197 C CA . UNK A 1 197 ? -9.640  0.299   4.033   1.00 0.00 ? 197 UNK A CA 1 
ATOM 198 C CA . UNK A 1 198 ? -9.804  -3.028  2.168   1.00 0.00 ? 198 UNK A CA 1 
ATOM 199 C CA . UNK A 1 199 ? -9.593  -5.355  5.168   1.00 0.00 ? 199 UNK A CA 1 
ATOM 200 C CA . UNK A 1 200 ? -12.605 -3.640  6.915   1.00 0.00 ? 200 UNK A CA 1 
ATOM 201 C CA . UNK A 1 201 ? -14.976 -3.821  3.935   1.00 0.00 ? 201 UNK A CA 1 
ATOM 202 C CA . UNK A 1 202 ? -14.734 -7.511  3.336   1.00 0.00 ? 202 UNK A CA 1 
ATOM 203 C CA . UNK A 1 203 ? -15.479 -7.742  7.046   1.00 0.00 ? 203 UNK A CA 1 
ATOM 204 C CA . UNK A 1 204 ? -18.946 -6.072  6.833   1.00 0.00 ? 204 UNK A CA 1 
ATOM 205 C CA . UNK A 1 205 ? -19.823 -7.749  3.601   1.00 0.00 ? 205 UNK A CA 1 
ATOM 206 C CA . UNK A 1 206 ? -19.625 -11.194 5.068   1.00 0.00 ? 206 UNK A CA 1 
ATOM 207 C CA . UNK A 1 207 ? -19.435 -11.408 8.902   1.00 0.00 ? 207 UNK A CA 1 
ATOM 208 C CA . UNK A 1 208 ? -18.700 -14.918 10.282  1.00 0.00 ? 208 UNK A CA 1 
ATOM 209 C CA . UNK A 1 209 ? -21.226 -16.992 12.193  1.00 0.00 ? 209 UNK A CA 1 
ATOM 210 C CA . UNK A 1 210 ? -21.250 -20.782 12.321  1.00 0.00 ? 210 UNK A CA 1 
ATOM 211 C CA . UNK A 1 211 ? -19.684 -21.352 8.980   1.00 0.00 ? 211 UNK A CA 1 
ATOM 212 C CA . UNK A 1 212 ? -20.515 -21.278 5.319   1.00 0.00 ? 212 UNK A CA 1 
ATOM 213 C CA . UNK A 1 213 ? -19.336 -17.886 4.114   1.00 0.00 ? 213 UNK A CA 1 
ATOM 214 C CA . UNK A 1 214 ? -19.902 -15.611 1.142   1.00 0.00 ? 214 UNK A CA 1 
ATOM 215 C CA . UNK A 1 215 ? -23.174 -16.139 -0.718  1.00 0.00 ? 215 UNK A CA 1 
ATOM 216 C CA . UNK A 1 216 ? -25.700 -17.549 1.739   1.00 0.00 ? 216 UNK A CA 1 
ATOM 217 C CA . UNK A 1 217 ? -28.227 -14.712 2.429   1.00 0.00 ? 217 UNK A CA 1 
ATOM 218 C CA . UNK A 1 218 ? -25.769 -12.825 4.687   1.00 0.00 ? 218 UNK A CA 1 
ATOM 219 C CA . UNK A 1 219 ? -25.082 -12.647 8.427   1.00 0.00 ? 219 UNK A CA 1 
ATOM 220 C CA . UNK A 1 220 ? -28.772 -12.559 7.778   1.00 0.00 ? 220 UNK A CA 1 
ATOM 221 C CA . UNK A 1 221 ? -30.269 -10.407 4.902   1.00 0.00 ? 221 UNK A CA 1 
ATOM 222 C CA . UNK A 1 222 ? -31.724 -7.267  6.576   1.00 0.00 ? 222 UNK A CA 1 
ATOM 223 C CA . UNK A 1 223 ? -30.820 -3.762  5.657   1.00 0.00 ? 223 UNK A CA 1 
ATOM 224 C CA . UNK A 1 224 ? -28.407 -5.429  3.175   1.00 0.00 ? 224 UNK A CA 1 
ATOM 225 C CA . UNK A 1 225 ? -30.651 -7.604  0.956   1.00 0.00 ? 225 UNK A CA 1 
ATOM 226 C CA . UNK A 1 226 ? -32.689 -4.596  -0.048  1.00 0.00 ? 226 UNK A CA 1 
ATOM 227 C CA . UNK A 1 227 ? -29.587 -2.610  -0.881  1.00 0.00 ? 227 UNK A CA 1 
ATOM 228 C CA . UNK A 1 228 ? -28.349 -5.124  -3.428  1.00 0.00 ? 228 UNK A CA 1 
ATOM 229 C CA . UNK A 1 229 ? -31.880 -5.625  -4.953  1.00 0.00 ? 229 UNK A CA 1 
ATOM 230 C CA . UNK A 1 230 ? -33.499 -2.316  -5.776  1.00 0.00 ? 230 UNK A CA 1 
ATOM 231 C CA . UNK A 1 231 ? -29.848 -1.377  -6.580  1.00 0.00 ? 231 UNK A CA 1 
ATOM 232 C CA . UNK A 1 232 ? -30.457 -3.704  -9.405  1.00 0.00 ? 232 UNK A CA 1 
ATOM 233 C CA . UNK A 1 233 ? -33.859 -3.474  -11.125 1.00 0.00 ? 233 UNK A CA 1 
ATOM 234 C CA . UNK A 1 234 ? -33.686 0.211   -10.266 1.00 0.00 ? 234 UNK A CA 1 
ATOM 235 C CA . UNK A 1 235 ? -30.350 -0.203  -11.894 1.00 0.00 ? 235 UNK A CA 1 
ATOM 236 C CA . UNK A 1 236 ? -30.442 2.423   -14.617 1.00 0.00 ? 236 UNK A CA 1 
ATOM 237 C CA . UNK A 1 237 ? -26.682 3.302   -14.139 1.00 0.00 ? 237 UNK A CA 1 
ATOM 238 C CA . UNK A 1 238 ? -26.444 4.609   -17.638 1.00 0.00 ? 238 UNK A CA 1 
ATOM 239 C CA . UNK A 1 239 ? -23.288 6.644   -18.404 1.00 0.00 ? 239 UNK A CA 1 
ATOM 240 C CA . UNK A 1 240 ? -25.109 9.850   -19.136 1.00 0.00 ? 240 UNK A CA 1 
ATOM 241 C CA . UNK A 1 241 ? -25.548 9.516   -15.301 1.00 0.00 ? 241 UNK A CA 1 
ATOM 242 C CA . UNK A 1 242 ? -21.901 10.814  -15.480 1.00 0.00 ? 242 UNK A CA 1 
ATOM 243 C CA . UNK A 1 243 ? -22.700 14.074  -17.069 1.00 0.00 ? 243 UNK A CA 1 
ATOM 244 C CA . UNK A 1 244 ? -25.613 15.276  -15.026 1.00 0.00 ? 244 UNK A CA 1 
ATOM 245 C CA . UNK A 1 245 ? -23.853 14.248  -11.707 1.00 0.00 ? 245 UNK A CA 1 
ATOM 246 C CA . UNK A 1 246 ? -20.552 16.106  -12.017 1.00 0.00 ? 246 UNK A CA 1 
ATOM 247 C CA . UNK A 1 247 ? -21.885 19.504  -12.985 1.00 0.00 ? 247 UNK A CA 1 
ATOM 248 C CA . UNK A 1 248 ? -23.935 19.110  -9.733  1.00 0.00 ? 248 UNK A CA 1 
ATOM 249 C CA . UNK A 1 249 ? -20.234 18.789  -10.102 1.00 0.00 ? 249 UNK A CA 1 
ATOM 250 C CA . UNK A 1 250 ? -18.415 18.117  -6.794  1.00 0.00 ? 250 UNK A CA 1 
ATOM 251 C CA . UNK A 1 251 ? -19.185 15.258  -4.391  1.00 0.00 ? 251 UNK A CA 1 
ATOM 252 C CA . UNK A 1 252 ? -16.850 12.359  -3.703  1.00 0.00 ? 252 UNK A CA 1 
ATOM 253 C CA . UNK A 1 253 ? -13.960 14.548  -2.895  1.00 0.00 ? 253 UNK A CA 1 
ATOM 254 C CA . UNK A 1 254 ? -11.897 15.012  0.274   1.00 0.00 ? 254 UNK A CA 1 
ATOM 255 C CA . UNK A 1 255 ? -9.161  17.431  1.332   1.00 0.00 ? 255 UNK A CA 1 
ATOM 256 C CA . UNK A 1 256 ? -6.848  16.666  4.312   1.00 0.00 ? 256 UNK A CA 1 
ATOM 257 C CA . UNK A 1 257 ? -3.980  18.813  5.464   1.00 0.00 ? 257 UNK A CA 1 
ATOM 258 C CA . UNK A 1 258 ? -2.168  18.427  8.863   1.00 0.00 ? 258 UNK A CA 1 
ATOM 259 C CA . UNK A 1 259 ? -3.730  15.026  8.759   1.00 0.00 ? 259 UNK A CA 1 
ATOM 260 C CA . UNK A 1 260 ? -3.720  12.416  11.537  1.00 0.00 ? 260 UNK A CA 1 
ATOM 261 C CA . UNK A 1 261 ? -1.135  11.053  13.998  1.00 0.00 ? 261 UNK A CA 1 
ATOM 262 C CA . UNK A 1 262 ? -0.045  7.502   13.357  1.00 0.00 ? 262 UNK A CA 1 
ATOM 263 C CA . UNK A 1 263 ? 1.766   7.065   10.165  1.00 0.00 ? 263 UNK A CA 1 
ATOM 264 C CA . UNK A 1 264 ? 3.257   10.501  10.153  1.00 0.00 ? 264 UNK A CA 1 
ATOM 265 C CA . UNK A 1 265 ? 4.746   9.891   13.678  1.00 0.00 ? 265 UNK A CA 1 
ATOM 266 C CA . UNK A 1 266 ? 6.051   6.464   12.775  1.00 0.00 ? 266 UNK A CA 1 
ATOM 267 C CA . UNK A 1 267 ? 7.711   7.568   9.466   1.00 0.00 ? 267 UNK A CA 1 
ATOM 268 C CA . UNK A 1 268 ? 9.545   10.465  11.044  1.00 0.00 ? 268 UNK A CA 1 
ATOM 269 C CA . UNK A 1 269 ? 11.513  8.591   13.635  1.00 0.00 ? 269 UNK A CA 1 
ATOM 270 C CA . UNK A 1 270 ? 12.441  6.286   10.743  1.00 0.00 ? 270 UNK A CA 1 
ATOM 271 C CA . UNK A 1 271 ? 14.266  8.869   8.728   1.00 0.00 ? 271 UNK A CA 1 
ATOM 272 C CA . UNK A 1 272 ? 16.544  9.457   11.634  1.00 0.00 ? 272 UNK A CA 1 
ATOM 273 C CA . UNK A 1 273 ? 17.596  5.771   10.975  1.00 0.00 ? 273 UNK A CA 1 
ATOM 274 C CA . UNK A 1 274 ? 16.553  4.537   7.551   1.00 0.00 ? 274 UNK A CA 1 
ATOM 275 C CA . UNK A 1 275 ? 15.800  0.908   7.999   1.00 0.00 ? 275 UNK A CA 1 
ATOM 276 C CA . UNK A 1 276 ? 17.200  -2.167  9.709   1.00 0.00 ? 276 UNK A CA 1 
ATOM 277 C CA . UNK A 1 277 ? 15.453  -4.406  12.295  1.00 0.00 ? 277 UNK A CA 1 
ATOM 278 C CA . UNK A 1 278 ? 11.925  -2.913  12.407  1.00 0.00 ? 278 UNK A CA 1 
ATOM 279 C CA . UNK A 1 279 ? 10.535  -6.377  12.948  1.00 0.00 ? 279 UNK A CA 1 
ATOM 280 C CA . UNK A 1 280 ? 10.215  -6.000  16.759  1.00 0.00 ? 280 UNK A CA 1 
ATOM 281 C CA . UNK A 1 281 ? 12.445  -2.936  16.869  1.00 0.00 ? 281 UNK A CA 1 
ATOM 282 C CA . UNK A 1 282 ? 9.499   -1.087  15.373  1.00 0.00 ? 282 UNK A CA 1 
ATOM 283 C CA . UNK A 1 283 ? 5.834   -1.455  16.361  1.00 0.00 ? 283 UNK A CA 1 
ATOM 284 C CA . UNK A 1 284 ? 3.660   1.613   17.337  1.00 0.00 ? 284 UNK A CA 1 
ATOM 285 C CA . UNK A 1 285 ? 5.305   4.839   18.533  1.00 0.00 ? 285 UNK A CA 1 
ATOM 286 C CA . UNK A 1 286 ? 2.713   6.443   20.762  1.00 0.00 ? 286 UNK A CA 1 
ATOM 287 C CA . UNK A 1 287 ? 4.912   9.339   21.608  1.00 0.00 ? 287 UNK A CA 1 
ATOM 288 C CA . UNK A 1 288 ? 1.783   11.167  22.778  1.00 0.00 ? 288 UNK A CA 1 
ATOM 289 C CA . UNK A 1 289 ? 1.132   9.272   26.004  1.00 0.00 ? 289 UNK A CA 1 
ATOM 290 C CA . UNK A 1 290 ? -2.186  7.500   26.265  1.00 0.00 ? 290 UNK A CA 1 
ATOM 291 C CA . UNK A 1 291 ? -2.148  4.825   28.921  1.00 0.00 ? 291 UNK A CA 1 
ATOM 292 C CA . UNK A 1 292 ? -1.947  1.339   27.469  1.00 0.00 ? 292 UNK A CA 1 
ATOM 293 C CA . UNK A 1 293 ? -1.937  -2.369  28.543  1.00 0.00 ? 293 UNK A CA 1 
ATOM 294 C CA . UNK A 1 294 ? -2.894  -5.943  27.934  1.00 0.00 ? 294 UNK A CA 1 
ATOM 295 C CA . UNK A 1 295 ? -3.982  -6.797  31.488  1.00 0.00 ? 295 UNK A CA 1 
ATOM 296 C CA . UNK A 1 296 ? -2.893  -3.654  33.336  1.00 0.00 ? 296 UNK A CA 1 
ATOM 297 C CA . UNK A 1 297 ? 0.352   -1.919  32.424  1.00 0.00 ? 297 UNK A CA 1 
ATOM 298 C CA . UNK A 1 298 ? 1.293   -0.043  29.274  1.00 0.00 ? 298 UNK A CA 1 
ATOM 299 C CA . UNK A 1 299 ? 2.226   -1.630  26.001  1.00 0.00 ? 299 UNK A CA 1 
ATOM 300 C CA . UNK A 1 300 ? 4.228   1.628   25.711  1.00 0.00 ? 300 UNK A CA 1 
ATOM 301 C CA . UNK A 1 301 ? 6.620   0.361   28.404  1.00 0.00 ? 301 UNK A CA 1 
ATOM 302 C CA . UNK A 1 302 ? 7.995   -2.531  26.171  1.00 0.00 ? 302 UNK A CA 1 
ATOM 303 C CA . UNK A 1 303 ? 8.239   -0.253  23.138  1.00 0.00 ? 303 UNK A CA 1 
ATOM 304 C CA . UNK A 1 304 ? 10.502  2.481   24.493  1.00 0.00 ? 304 UNK A CA 1 
ATOM 305 C CA . UNK A 1 305 ? 13.345  0.426   26.073  1.00 0.00 ? 305 UNK A CA 1 
ATOM 306 C CA . UNK A 1 306 ? 13.885  -1.348  22.810  1.00 0.00 ? 306 UNK A CA 1 
ATOM 307 C CA . UNK A 1 307 ? 13.782  1.923   20.804  1.00 0.00 ? 307 UNK A CA 1 
ATOM 308 C CA . UNK A 1 308 ? 16.741  3.431   22.643  1.00 0.00 ? 308 UNK A CA 1 
ATOM 309 C CA . UNK A 1 309 ? 18.832  0.378   21.722  1.00 0.00 ? 309 UNK A CA 1 
ATOM 310 C CA . UNK A 1 310 ? 19.014  0.559   17.909  1.00 0.00 ? 310 UNK A CA 1 
ATOM 311 C CA . UNK A 1 311 ? 19.552  4.243   18.036  1.00 0.00 ? 311 UNK A CA 1 
ATOM 312 C CA . UNK A 1 312 ? 22.820  4.465   19.976  1.00 0.00 ? 312 UNK A CA 1 
ATOM 313 C CA . UNK A 1 313 ? 24.345  1.289   18.419  1.00 0.00 ? 313 UNK A CA 1 
ATOM 314 C CA . UNK A 1 314 ? 24.478  2.983   15.017  1.00 0.00 ? 314 UNK A CA 1 
ATOM 315 C CA . UNK A 1 315 ? 25.875  6.255   16.377  1.00 0.00 ? 315 UNK A CA 1 
ATOM 316 C CA . UNK A 1 316 ? 29.245  4.760   17.128  1.00 0.00 ? 316 UNK A CA 1 
ATOM 317 C CA . UNK A 1 317 ? 29.020  2.832   13.852  1.00 0.00 ? 317 UNK A CA 1 
ATOM 318 C CA . UNK A 1 318 ? 32.026  4.561   12.399  1.00 0.00 ? 318 UNK A CA 1 
ATOM 319 C CA . UNK A 1 319 ? 33.972  3.722   15.578  1.00 0.00 ? 319 UNK A CA 1 
ATOM 320 C CA . UNK A 1 320 ? 31.872  0.566   15.874  1.00 0.00 ? 320 UNK A CA 1 
ATOM 321 C CA . UNK A 1 321 ? 33.886  -1.594  13.481  1.00 0.00 ? 321 UNK A CA 1 
ATOM 322 C CA . UNK A 1 322 ? 35.464  -5.112  13.751  1.00 0.00 ? 322 UNK A CA 1 
ATOM 323 C CA . UNK A 1 323 ? 39.038  -5.838  14.958  1.00 0.00 ? 323 UNK A CA 1 
ATOM 324 C CA . UNK A 1 324 ? 39.862  -8.348  12.150  1.00 0.00 ? 324 UNK A CA 1 
ATOM 325 C CA . UNK A 1 325 ? 40.903  -5.907  9.540   1.00 0.00 ? 325 UNK A CA 1 
ATOM 326 C CA . UNK A 1 326 ? 39.012  -2.983  10.984  1.00 0.00 ? 326 UNK A CA 1 
ATOM 327 C CA . UNK A 1 327 ? 35.877  -1.144  9.941   1.00 0.00 ? 327 UNK A CA 1 
ATOM 328 C CA . UNK A 1 328 ? 34.050  -3.502  7.670   1.00 0.00 ? 328 UNK A CA 1 
ATOM 329 C CA . UNK A 1 329 ? 31.165  -2.733  5.291   1.00 0.00 ? 329 UNK A CA 1 
ATOM 330 C CA . UNK A 1 330 ? 28.709  -5.371  4.168   1.00 0.00 ? 330 UNK A CA 1 
ATOM 331 C CA . UNK A 1 331 ? 24.938  -5.605  4.407   1.00 0.00 ? 331 UNK A CA 1 
ATOM 332 C CA . UNK A 1 332 ? 21.505  -6.938  5.471   1.00 0.00 ? 332 UNK A CA 1 
ATOM 333 C CA . UNK A 1 333 ? 18.746  -9.399  4.755   1.00 0.00 ? 333 UNK A CA 1 
ATOM 334 C CA . UNK A 1 334 ? 16.292  -11.689 6.471   1.00 0.00 ? 334 UNK A CA 1 
ATOM 335 C CA . UNK A 1 335 ? 16.409  -15.392 5.687   1.00 0.00 ? 335 UNK A CA 1 
ATOM 336 C CA . UNK A 1 336 ? 13.835  -15.677 2.796   1.00 0.00 ? 336 UNK A CA 1 
ATOM 337 C CA . UNK A 1 337 ? 13.478  -17.333 -0.573  1.00 0.00 ? 337 UNK A CA 1 
ATOM 338 C CA . UNK A 1 338 ? 14.826  -14.331 -2.512  1.00 0.00 ? 338 UNK A CA 1 
ATOM 339 C CA . UNK A 1 339 ? 18.593  -13.737 -2.125  1.00 0.00 ? 339 UNK A CA 1 
ATOM 340 C CA . UNK A 1 340 ? 19.911  -16.911 -3.813  1.00 0.00 ? 340 UNK A CA 1 
ATOM 341 C CA . UNK A 1 341 ? 22.755  -18.300 -1.687  1.00 0.00 ? 341 UNK A CA 1 
ATOM 342 C CA . UNK A 1 342 ? 25.550  -16.464 -3.491  1.00 0.00 ? 342 UNK A CA 1 
ATOM 343 C CA . UNK A 1 343 ? 24.547  -13.605 -1.237  1.00 0.00 ? 343 UNK A CA 1 
ATOM 344 C CA . UNK A 1 344 ? 25.123  -15.680 1.877   1.00 0.00 ? 344 UNK A CA 1 
ATOM 345 C CA . UNK A 1 345 ? 28.658  -16.635 1.072   1.00 0.00 ? 345 UNK A CA 1 
ATOM 346 C CA . UNK A 1 346 ? 29.518  -12.980 0.226   1.00 0.00 ? 346 UNK A CA 1 
ATOM 347 C CA . UNK A 1 347 ? 28.770  -11.616 3.660   1.00 0.00 ? 347 UNK A CA 1 
ATOM 348 C CA . UNK A 1 348 ? 30.712  -14.449 5.203   1.00 0.00 ? 348 UNK A CA 1 
ATOM 349 C CA . UNK A 1 349 ? 33.913  -13.294 6.958   1.00 0.00 ? 349 UNK A CA 1 
ATOM 350 C CA . UNK A 1 350 ? 33.850  -10.524 9.557   1.00 0.00 ? 350 UNK A CA 1 
ATOM 351 C CA . UNK A 1 351 ? 33.119  -7.374  7.552   1.00 0.00 ? 351 UNK A CA 1 
ATOM 352 C CA . UNK A 1 352 ? 29.744  -6.091  8.873   1.00 0.00 ? 352 UNK A CA 1 
ATOM 353 C CA . UNK A 1 353 ? 26.395  -7.872  8.723   1.00 0.00 ? 353 UNK A CA 1 
ATOM 354 C CA . UNK A 1 354 ? 23.140  -8.962  10.352  1.00 0.00 ? 354 UNK A CA 1 
ATOM 355 C CA . UNK A 1 355 ? 19.499  -10.133 10.139  1.00 0.00 ? 355 UNK A CA 1 
ATOM 356 C CA . UNK A 1 356 ? 16.137  -11.502 11.320  1.00 0.00 ? 356 UNK A CA 1 
ATOM 357 C CA . UNK A 1 357 ? 13.390  -13.942 10.433  1.00 0.00 ? 357 UNK A CA 1 
ATOM 358 C CA . UNK A 1 358 ? 10.917  -15.968 12.412  1.00 0.00 ? 358 UNK A CA 1 
ATOM 359 C CA . UNK A 1 359 ? 8.053   -15.435 14.902  1.00 0.00 ? 359 UNK A CA 1 
ATOM 360 C CA . UNK A 1 360 ? 9.660   -16.411 18.159  1.00 0.00 ? 360 UNK A CA 1 
ATOM 361 C CA . UNK A 1 361 ? 11.919  -19.421 17.662  1.00 0.00 ? 361 UNK A CA 1 
ATOM 362 C CA . UNK A 1 362 ? 10.334  -21.308 14.706  1.00 0.00 ? 362 UNK A CA 1 
ATOM 363 C CA . UNK A 1 363 ? 9.584   -20.659 11.003  1.00 0.00 ? 363 UNK A CA 1 
ATOM 364 C CA . UNK A 1 364 ? 10.812  -21.958 7.726   1.00 0.00 ? 364 UNK A CA 1 
ATOM 365 C CA . UNK A 1 365 ? 13.728  -19.749 6.732   1.00 0.00 ? 365 UNK A CA 1 
ATOM 366 C CA . UNK A 1 366 ? 14.474  -18.212 10.172  1.00 0.00 ? 366 UNK A CA 1 
ATOM 367 C CA . UNK A 1 367 ? 16.498  -21.061 11.660  1.00 0.00 ? 367 UNK A CA 1 
ATOM 368 C CA . UNK A 1 368 ? 18.087  -22.001 8.276   1.00 0.00 ? 368 UNK A CA 1 
ATOM 369 C CA . UNK A 1 369 ? 19.185  -18.340 7.972   1.00 0.00 ? 369 UNK A CA 1 
ATOM 370 C CA . UNK A 1 370 ? 20.986  -18.335 11.243  1.00 0.00 ? 370 UNK A CA 1 
ATOM 371 C CA . UNK A 1 371 ? 22.995  -21.372 10.376  1.00 0.00 ? 371 UNK A CA 1 
ATOM 372 C CA . UNK A 1 372 ? 24.474  -20.152 7.126   1.00 0.00 ? 372 UNK A CA 1 
ATOM 373 C CA . UNK A 1 373 ? 25.718  -16.828 8.424   1.00 0.00 ? 373 UNK A CA 1 
ATOM 374 C CA . UNK A 1 374 ? 27.255  -18.359 11.551  1.00 0.00 ? 374 UNK A CA 1 
ATOM 375 C CA . UNK A 1 375 ? 29.316  -21.009 9.919   1.00 0.00 ? 375 UNK A CA 1 
ATOM 376 C CA . UNK A 1 376 ? 30.703  -18.716 7.140   1.00 0.00 ? 376 UNK A CA 1 
ATOM 377 C CA . UNK A 1 377 ? 32.420  -16.277 9.588   1.00 0.00 ? 377 UNK A CA 1 
ATOM 378 C CA . UNK A 1 378 ? 33.992  -19.003 11.643  1.00 0.00 ? 378 UNK A CA 1 
ATOM 379 C CA . UNK A 1 379 ? 37.053  -17.226 10.258  1.00 0.00 ? 379 UNK A CA 1 
ATOM 380 C CA . UNK A 1 380 ? 38.172  -14.898 13.118  1.00 0.00 ? 380 UNK A CA 1 
ATOM 381 C CA . UNK A 1 381 ? 37.530  -17.257 15.940  1.00 0.00 ? 381 UNK A CA 1 
ATOM 382 C CA . UNK A 1 382 ? 34.363  -18.648 17.422  1.00 0.00 ? 382 UNK A CA 1 
ATOM 383 C CA . UNK A 1 383 ? 31.586  -18.237 20.079  1.00 0.00 ? 383 UNK A CA 1 
ATOM 384 C CA . UNK A 1 384 ? 30.899  -14.711 21.152  1.00 0.00 ? 384 UNK A CA 1 
ATOM 385 C CA . UNK A 1 385 ? 32.143  -13.423 17.894  1.00 0.00 ? 385 UNK A CA 1 
ATOM 386 C CA . UNK A 1 386 ? 28.559  -12.897 16.547  1.00 0.00 ? 386 UNK A CA 1 
ATOM 387 C CA . UNK A 1 387 ? 28.090  -10.747 19.627  1.00 0.00 ? 387 UNK A CA 1 
ATOM 388 C CA . UNK A 1 388 ? 30.658  -8.211  19.114  1.00 0.00 ? 388 UNK A CA 1 
ATOM 389 C CA . UNK A 1 389 ? 30.791  -7.774  15.154  1.00 0.00 ? 389 UNK A CA 1 
ATOM 390 C CA . UNK A 1 390 ? 28.690  -10.771 14.304  1.00 0.00 ? 390 UNK A CA 1 
ATOM 391 C CA . UNK A 1 391 ? 25.185  -10.219 15.820  1.00 0.00 ? 391 UNK A CA 1 
ATOM 392 C CA . UNK A 1 392 ? 21.494  -10.543 15.471  1.00 0.00 ? 392 UNK A CA 1 
ATOM 393 C CA . UNK A 1 393 ? 18.288  -10.221 17.505  1.00 0.00 ? 393 UNK A CA 1 
ATOM 394 C CA . UNK A 1 394 ? 14.494  -9.673  17.487  1.00 0.00 ? 394 UNK A CA 1 
ATOM 395 C CA . UNK A 1 395 ? 11.905  -10.075 20.292  1.00 0.00 ? 395 UNK A CA 1 
ATOM 396 C CA . UNK A 1 396 ? 10.414  -12.826 22.310  1.00 0.00 ? 396 UNK A CA 1 
ATOM 397 C CA . UNK A 1 397 ? 11.177  -16.400 23.567  1.00 0.00 ? 397 UNK A CA 1 
ATOM 398 C CA . UNK A 1 398 ? 14.198  -17.915 21.961  1.00 0.00 ? 398 UNK A CA 1 
ATOM 399 C CA . UNK A 1 399 ? 16.790  -19.563 24.330  1.00 0.00 ? 399 UNK A CA 1 
ATOM 400 C CA . UNK A 1 400 ? 19.702  -21.589 22.889  1.00 0.00 ? 400 UNK A CA 1 
ATOM 401 C CA . UNK A 1 401 ? 20.104  -20.313 19.280  1.00 0.00 ? 401 UNK A CA 1 
ATOM 402 C CA . UNK A 1 402 ? 18.329  -17.163 20.468  1.00 0.00 ? 402 UNK A CA 1 
ATOM 403 C CA . UNK A 1 403 ? 20.684  -16.897 23.399  1.00 0.00 ? 403 UNK A CA 1 
ATOM 404 C CA . UNK A 1 404 ? 24.161  -16.971 21.705  1.00 0.00 ? 404 UNK A CA 1 
ATOM 405 C CA . UNK A 1 405 ? 23.167  -14.533 18.956  1.00 0.00 ? 405 UNK A CA 1 
ATOM 406 C CA . UNK A 1 406 ? 22.152  -11.695 21.381  1.00 0.00 ? 406 UNK A CA 1 
ATOM 407 C CA . UNK A 1 407 ? 24.471  -12.154 24.282  1.00 0.00 ? 407 UNK A CA 1 
ATOM 408 C CA . UNK A 1 408 ? 22.846  -9.289  26.145  1.00 0.00 ? 408 UNK A CA 1 
ATOM 409 C CA . UNK A 1 409 ? 21.893  -5.977  24.494  1.00 0.00 ? 409 UNK A CA 1 
ATOM 410 C CA . UNK A 1 410 ? 23.673  -6.835  21.191  1.00 0.00 ? 410 UNK A CA 1 
ATOM 411 C CA . UNK A 1 411 ? 20.334  -7.432  19.435  1.00 0.00 ? 411 UNK A CA 1 
ATOM 412 C CA . UNK A 1 412 ? 16.619  -6.793  19.141  1.00 0.00 ? 412 UNK A CA 1 
ATOM 413 C CA . UNK A 1 413 ? 13.454  -8.364  20.311  1.00 0.00 ? 413 UNK A CA 1 
ATOM 414 C CA . UNK A 1 414 ? 9.680   -7.669  19.728  1.00 0.00 ? 414 UNK A CA 1 
ATOM 415 C CA . UNK A 1 415 ? 6.433   -9.224  20.953  1.00 0.00 ? 415 UNK A CA 1 
ATOM 416 C CA . UNK A 1 416 ? 2.894   -10.264 20.121  1.00 0.00 ? 416 UNK A CA 1 
ATOM 417 C CA . UNK A 1 417 ? 0.563   -9.025  22.849  1.00 0.00 ? 417 UNK A CA 1 
ATOM 418 C CA . UNK A 1 418 ? -2.611  -10.795 23.878  1.00 0.00 ? 418 UNK A CA 1 
ATOM 419 C CA . UNK A 1 419 ? -5.184  -12.496 21.576  1.00 0.00 ? 419 UNK A CA 1 
ATOM 420 C CA . UNK A 1 420 ? -6.433  -15.714 20.057  1.00 0.00 ? 420 UNK A CA 1 
ATOM 421 C CA . UNK A 1 421 ? -3.827  -15.396 17.301  1.00 0.00 ? 421 UNK A CA 1 
ATOM 422 C CA . UNK A 1 422 ? -6.512  -15.009 14.600  1.00 0.00 ? 422 UNK A CA 1 
ATOM 423 C CA . UNK A 1 423 ? -9.108  -12.316 14.860  1.00 0.00 ? 423 UNK A CA 1 
ATOM 424 C CA . UNK A 1 424 ? -11.770 -12.092 17.561  1.00 0.00 ? 424 UNK A CA 1 
ATOM 425 C CA . UNK A 1 425 ? -10.683 -12.012 21.200  1.00 0.00 ? 425 UNK A CA 1 
ATOM 426 C CA . UNK A 1 426 ? -7.928  -9.445  21.694  1.00 0.00 ? 426 UNK A CA 1 
ATOM 427 C CA . UNK A 1 427 ? -7.268  -6.551  24.066  1.00 0.00 ? 427 UNK A CA 1 
ATOM 428 C CA . UNK A 1 428 ? -4.871  -3.698  23.755  1.00 0.00 ? 428 UNK A CA 1 
ATOM 429 C CA . UNK A 1 429 ? -5.520  -0.563  21.695  1.00 0.00 ? 429 UNK A CA 1 
ATOM 430 C CA . UNK A 1 430 ? -7.338  -0.482  18.375  1.00 0.00 ? 430 UNK A CA 1 
ATOM 431 C CA . UNK A 1 431 ? -9.607  -3.501  18.559  1.00 0.00 ? 431 UNK A CA 1 
ATOM 432 C CA . UNK A 1 432 ? -12.145 -1.848  20.856  1.00 0.00 ? 432 UNK A CA 1 
ATOM 433 C CA . UNK A 1 433 ? -13.160 1.035   18.683  1.00 0.00 ? 433 UNK A CA 1 
ATOM 434 C CA . UNK A 1 434 ? -12.729 -1.250  15.584  1.00 0.00 ? 434 UNK A CA 1 
ATOM 435 C CA . UNK A 1 435 ? -15.675 -3.467  16.168  1.00 0.00 ? 435 UNK A CA 1 
ATOM 436 C CA . UNK A 1 436 ? -17.555 -0.523  17.440  1.00 0.00 ? 436 UNK A CA 1 
ATOM 437 C CA . UNK A 1 437 ? -19.836 0.663   14.570  1.00 0.00 ? 437 UNK A CA 1 
ATOM 438 C CA . UNK A 1 438 ? -17.724 -0.182  11.583  1.00 0.00 ? 438 UNK A CA 1 
ATOM 439 C CA . UNK A 1 439 ? -19.142 -3.581  12.246  1.00 0.00 ? 439 UNK A CA 1 
ATOM 440 C CA . UNK A 1 440 ? -21.771 -4.740  9.888   1.00 0.00 ? 440 UNK A CA 1 
ATOM 441 C CA . UNK A 1 441 ? -23.466 -1.267  10.187  1.00 0.00 ? 441 UNK A CA 1 
ATOM 442 C CA . UNK A 1 442 ? -20.503 -0.233  7.948   1.00 0.00 ? 442 UNK A CA 1 
ATOM 443 C CA . UNK A 1 443 ? -21.869 -2.514  5.252   1.00 0.00 ? 443 UNK A CA 1 
ATOM 444 C CA . UNK A 1 444 ? -25.347 -0.865  5.211   1.00 0.00 ? 444 UNK A CA 1 
ATOM 445 C CA . UNK A 1 445 ? -23.950 2.566   5.425   1.00 0.00 ? 445 UNK A CA 1 
ATOM 446 C CA . UNK A 1 446 ? -21.795 2.161   2.376   1.00 0.00 ? 446 UNK A CA 1 
ATOM 447 C CA . UNK A 1 447 ? -24.462 0.868   0.000   1.00 0.00 ? 447 UNK A CA 1 
ATOM 448 C CA . UNK A 1 448 ? -26.499 3.970   0.989   1.00 0.00 ? 448 UNK A CA 1 
ATOM 449 C CA . UNK A 1 449 ? -23.794 6.540   0.490   1.00 0.00 ? 449 UNK A CA 1 
ATOM 450 C CA . UNK A 1 450 ? -23.435 5.295   -3.014  1.00 0.00 ? 450 UNK A CA 1 
ATOM 451 C CA . UNK A 1 451 ? -27.069 5.665   -4.209  1.00 0.00 ? 451 UNK A CA 1 
ATOM 452 C CA . UNK A 1 452 ? -26.981 9.134   -2.682  1.00 0.00 ? 452 UNK A CA 1 
ATOM 453 C CA . UNK A 1 453 ? -24.612 10.110  -5.434  1.00 0.00 ? 453 UNK A CA 1 
ATOM 454 C CA . UNK A 1 454 ? -25.813 8.209   -8.540  1.00 0.00 ? 454 UNK A CA 1 
ATOM 455 C CA . UNK A 1 455 ? -23.360 5.356   -8.422  1.00 0.00 ? 455 UNK A CA 1 
ATOM 456 C CA . UNK A 1 456 ? -20.013 5.077   -6.770  1.00 0.00 ? 456 UNK A CA 1 
ATOM 457 C CA . UNK A 1 457 ? -16.383 4.539   -8.101  1.00 0.00 ? 457 UNK A CA 1 
ATOM 458 C CA . UNK A 1 458 ? -15.119 7.989   -8.827  1.00 0.00 ? 458 UNK A CA 1 
ATOM 459 C CA . UNK A 1 459 ? -12.991 9.527   -6.051  1.00 0.00 ? 459 UNK A CA 1 
ATOM 460 C CA . UNK A 1 460 ? -9.837  11.583  -5.357  1.00 0.00 ? 460 UNK A CA 1 
ATOM 461 C CA . UNK A 1 461 ? -7.900  12.213  -2.061  1.00 0.00 ? 461 UNK A CA 1 
ATOM 462 C CA . UNK A 1 462 ? -5.245  14.881  -1.561  1.00 0.00 ? 462 UNK A CA 1 
ATOM 463 C CA . UNK A 1 463 ? -2.791  15.046  1.366   1.00 0.00 ? 463 UNK A CA 1 
ATOM 464 C CA . UNK A 1 464 ? -0.194  17.771  1.577   1.00 0.00 ? 464 UNK A CA 1 
ATOM 465 C CA . UNK A 1 465 ? 3.052   17.772  3.547   1.00 0.00 ? 465 UNK A CA 1 
ATOM 466 C CA . UNK A 1 466 ? 4.191   20.956  1.790   1.00 0.00 ? 466 UNK A CA 1 
ATOM 467 C CA . UNK A 1 467 ? 5.377   21.709  -1.769  1.00 0.00 ? 467 UNK A CA 1 
ATOM 468 C CA . UNK A 1 468 ? 4.180   25.141  -2.723  1.00 0.00 ? 468 UNK A CA 1 
ATOM 469 C CA . UNK A 1 469 ? 5.713   24.742  -6.163  1.00 0.00 ? 469 UNK A CA 1 
ATOM 470 C CA . UNK A 1 470 ? 5.568   20.992  -7.145  1.00 0.00 ? 470 UNK A CA 1 
ATOM 471 C CA . UNK A 1 471 ? 2.796   20.041  -4.825  1.00 0.00 ? 471 UNK A CA 1 
ATOM 472 C CA . UNK A 1 472 ? 0.931   23.397  -5.484  1.00 0.00 ? 472 UNK A CA 1 
ATOM 473 C CA . UNK A 1 473 ? 1.596   22.461  -9.164  1.00 0.00 ? 473 UNK A CA 1 
ATOM 474 C CA . UNK A 1 474 ? 0.134   18.959  -9.274  1.00 0.00 ? 474 UNK A CA 1 
ATOM 475 C CA . UNK A 1 475 ? -3.061  19.302  -7.411  1.00 0.00 ? 475 UNK A CA 1 
ATOM 476 C CA . UNK A 1 476 ? -4.092  22.270  -9.633  1.00 0.00 ? 476 UNK A CA 1 
ATOM 477 C CA . UNK A 1 477 ? -3.693  20.156  -12.831 1.00 0.00 ? 477 UNK A CA 1 
ATOM 478 C CA . UNK A 1 478 ? -5.108  16.831  -11.634 1.00 0.00 ? 478 UNK A CA 1 
ATOM 479 C CA . UNK A 1 479 ? -8.539  18.402  -11.214 1.00 0.00 ? 479 UNK A CA 1 
ATOM 480 C CA . UNK A 1 480 ? -8.886  20.695  -14.228 1.00 0.00 ? 480 UNK A CA 1 
ATOM 481 C CA . UNK A 1 481 ? -8.053  17.562  -16.293 1.00 0.00 ? 481 UNK A CA 1 
ATOM 482 C CA . UNK A 1 482 ? -10.701 15.115  -15.193 1.00 0.00 ? 482 UNK A CA 1 
ATOM 483 C CA . UNK A 1 483 ? -13.250 17.889  -15.618 1.00 0.00 ? 483 UNK A CA 1 
ATOM 484 C CA . UNK A 1 484 ? -13.136 18.592  -19.315 1.00 0.00 ? 484 UNK A CA 1 
ATOM 485 C CA . UNK A 1 485 ? -10.512 20.745  -20.918 1.00 0.00 ? 485 UNK A CA 1 
ATOM 486 C CA . UNK A 1 486 ? -9.111  23.911  -19.338 1.00 0.00 ? 486 UNK A CA 1 
ATOM 487 C CA . UNK A 1 487 ? -5.931  24.846  -17.552 1.00 0.00 ? 487 UNK A CA 1 
ATOM 488 C CA . UNK A 1 488 ? -4.665  26.404  -14.249 1.00 0.00 ? 488 UNK A CA 1 
ATOM 489 C CA . UNK A 1 489 ? -1.093  27.685  -13.619 1.00 0.00 ? 489 UNK A CA 1 
ATOM 490 C CA . UNK A 1 490 ? 2.271   26.794  -15.069 1.00 0.00 ? 490 UNK A CA 1 
ATOM 491 C CA . UNK A 1 491 ? 2.821   26.044  -18.793 1.00 0.00 ? 491 UNK A CA 1 
ATOM 492 C CA . UNK A 1 492 ? 5.290   23.105  -18.625 1.00 0.00 ? 492 UNK A CA 1 
ATOM 493 C CA . UNK A 1 493 ? 3.158   20.626  -16.736 1.00 0.00 ? 493 UNK A CA 1 
ATOM 494 C CA . UNK A 1 494 ? -0.012  20.894  -18.669 1.00 0.00 ? 494 UNK A CA 1 
ATOM 495 C CA . UNK A 1 495 ? 1.467   20.447  -22.176 1.00 0.00 ? 495 UNK A CA 1 
ATOM 496 C CA . UNK A 1 496 ? 2.670   16.888  -22.460 1.00 0.00 ? 496 UNK A CA 1 
ATOM 497 C CA . UNK A 1 497 ? 0.470   15.775  -19.596 1.00 0.00 ? 497 UNK A CA 1 
ATOM 498 C CA . UNK A 1 498 ? -1.968  16.116  -22.461 1.00 0.00 ? 498 UNK A CA 1 
ATOM 499 C CA . UNK A 1 499 ? 0.574   14.768  -24.838 1.00 0.00 ? 499 UNK A CA 1 
ATOM 500 C CA . UNK A 1 500 ? 1.119   11.175  -23.540 1.00 0.00 ? 500 UNK A CA 1 
ATOM 501 C CA . UNK A 1 501 ? -2.460  10.021  -22.931 1.00 0.00 ? 501 UNK A CA 1 
ATOM 502 C CA . UNK A 1 502 ? -4.355  10.423  -26.276 1.00 0.00 ? 502 UNK A CA 1 
ATOM 503 C CA . UNK A 1 503 ? -1.464  8.589   -27.987 1.00 0.00 ? 503 UNK A CA 1 
ATOM 504 C CA . UNK A 1 504 ? -1.834  5.633   -25.685 1.00 0.00 ? 504 UNK A CA 1 
ATOM 505 C CA . UNK A 1 505 ? -5.425  5.714   -24.347 1.00 0.00 ? 505 UNK A CA 1 
ATOM 506 C CA . UNK A 1 506 ? -8.235  4.672   -26.644 1.00 0.00 ? 506 UNK A CA 1 
ATOM 507 C CA . UNK A 1 507 ? -5.002  3.050   -27.899 1.00 0.00 ? 507 UNK A CA 1 
ATOM 508 C CA . UNK A 1 508 ? -5.188  -0.635  -27.128 1.00 0.00 ? 508 UNK A CA 1 
ATOM 509 C CA . UNK A 1 509 ? -5.551  -3.421  -29.817 1.00 0.00 ? 509 UNK A CA 1 
ATOM 510 C CA . UNK A 1 510 ? -2.818  -5.097  -31.812 1.00 0.00 ? 510 UNK A CA 1 
ATOM 511 C CA . UNK A 1 511 ? -1.744  -8.722  -31.355 1.00 0.00 ? 511 UNK A CA 1 
ATOM 512 C CA . UNK A 1 512 ? 0.174   -11.850 -30.315 1.00 0.00 ? 512 UNK A CA 1 
ATOM 513 C CA . UNK A 1 513 ? -2.985  -13.800 -31.230 1.00 0.00 ? 513 UNK A CA 1 
ATOM 514 C CA . UNK A 1 514 ? -5.144  -14.292 -28.114 1.00 0.00 ? 514 UNK A CA 1 
# 
